data_6ARX
#
_entry.id   6ARX
#
_cell.length_a   149.599
_cell.length_b   149.599
_cell.length_c   225.857
_cell.angle_alpha   90.000
_cell.angle_beta   90.000
_cell.angle_gamma   120.000
#
_symmetry.space_group_name_H-M   'P 61'
#
loop_
_entity.id
_entity.type
_entity.pdbx_description
1 polymer Acetylcholinesterase
2 non-polymer 2-acetamido-2-deoxy-beta-D-glucopyranose
3 non-polymer 'CITRATE ANION'
4 non-polymer 'CHLORIDE ION'
5 water water
#
_entity_poly.entity_id   1
_entity_poly.type   'polypeptide(L)'
_entity_poly.pdbx_seq_one_letter_code
;GDNDPLVVNTDKGRIRGITVDAPSGKKVDVWLGIPYAQPPVGPLRFRHPRPAEKWTGVLNTTTPPNSCVQIVDTVFGDFP
GATMWNPNTPLSEDCLYINVVAPRPRPKNAAVMLWIFGGSFYSGTATLDVYDHRALASEENVIVVSLQYRVASLGFLFLG
TPEAPGNAGLFDQNLALRWVRDNIHRFGGDPSRVTLFGESAGAVSVSLHLLSALSRDLFQRAILQSGSPTAPWALVSREE
ATLRALRLAEAVGCPHEPSKLSDAVECLRGKDPHVLVNNEWGTLGICEFPFVPVVDGAFLDETPQRSLASGRFKKTEILT
GSNTEEGYYFIIYYLTELLRKEEGVTVTREEFLQAVRELNPYVNGAARQAIVFEYTDWTEPDNPNSNRDALDKMVGDYHF
TCNVNEFAQRYAEEGNNVYMYLYTHRSKGNPWPRWTGVMHGDEINYVFGEPLNPTLGYTEDEKDFSRKIMRYWSNFAKTG
NPNPNTASSEFPEWPKHTAHGRHYLELGLNTSFVGRGPRLRQCAFWKKYLPQLVAATSNLPG
;
_entity_poly.pdbx_strand_id   A,B
#
# COMPACT_ATOMS: atom_id res chain seq x y z
N ASN A 3 34.68 24.99 0.37
CA ASN A 3 34.27 23.94 -0.58
C ASN A 3 33.12 23.02 -0.10
N ASP A 4 32.11 22.85 -0.97
CA ASP A 4 30.90 22.08 -0.69
C ASP A 4 30.95 20.66 -1.30
N PRO A 5 31.22 19.59 -0.53
CA PRO A 5 31.33 18.25 -1.16
C PRO A 5 30.03 17.76 -1.81
N LEU A 6 28.91 18.45 -1.63
CA LEU A 6 27.65 18.10 -2.28
C LEU A 6 27.49 18.79 -3.63
N VAL A 7 28.43 19.66 -4.01
CA VAL A 7 28.48 20.20 -5.35
C VAL A 7 29.56 19.43 -6.09
N VAL A 8 29.21 18.94 -7.28
CA VAL A 8 30.10 18.08 -8.06
C VAL A 8 30.16 18.64 -9.47
N ASN A 9 31.38 18.74 -10.02
CA ASN A 9 31.55 19.29 -11.36
C ASN A 9 31.55 18.13 -12.36
N THR A 10 30.42 17.93 -13.03
CA THR A 10 30.37 16.93 -14.07
C THR A 10 30.91 17.51 -15.37
N ASP A 11 31.11 16.64 -16.36
CA ASP A 11 31.62 17.05 -17.65
C ASP A 11 30.65 17.97 -18.40
N LYS A 12 29.47 18.25 -17.87
CA LYS A 12 28.57 19.17 -18.55
C LYS A 12 28.18 20.35 -17.69
N GLY A 13 28.64 20.40 -16.44
CA GLY A 13 28.18 21.43 -15.53
C GLY A 13 28.27 20.98 -14.10
N ARG A 14 28.00 21.92 -13.21
CA ARG A 14 28.02 21.61 -11.79
C ARG A 14 26.63 21.21 -11.34
N ILE A 15 26.58 20.37 -10.32
CA ILE A 15 25.31 19.87 -9.79
C ILE A 15 25.43 19.87 -8.28
N ARG A 16 24.28 20.04 -7.62
CA ARG A 16 24.23 20.07 -6.16
C ARG A 16 23.37 18.91 -5.66
N GLY A 17 23.93 18.09 -4.77
CA GLY A 17 23.19 17.01 -4.15
C GLY A 17 22.65 17.37 -2.78
N ILE A 18 22.39 16.35 -1.96
CA ILE A 18 21.82 16.53 -0.63
C ILE A 18 22.16 15.30 0.21
N THR A 19 22.41 15.51 1.49
CA THR A 19 22.69 14.42 2.43
C THR A 19 21.38 13.97 3.06
N VAL A 20 21.14 12.65 3.12
CA VAL A 20 19.89 12.11 3.66
C VAL A 20 20.23 10.94 4.56
N ASP A 21 19.21 10.45 5.25
CA ASP A 21 19.35 9.32 6.16
C ASP A 21 18.99 8.03 5.45
N ALA A 22 19.75 6.99 5.71
CA ALA A 22 19.24 5.67 5.46
C ALA A 22 18.18 5.32 6.51
N PRO A 23 17.17 4.48 6.17
CA PRO A 23 16.41 3.78 7.24
C PRO A 23 17.34 2.99 8.19
N SER A 24 18.59 2.73 7.75
CA SER A 24 19.63 2.05 8.52
C SER A 24 20.19 2.91 9.66
N GLY A 25 19.96 4.23 9.64
CA GLY A 25 20.52 5.16 10.60
C GLY A 25 21.78 5.86 10.12
N LYS A 26 22.53 5.25 9.22
CA LYS A 26 23.69 5.85 8.59
C LYS A 26 23.25 6.86 7.53
N LYS A 27 24.16 7.76 7.15
CA LYS A 27 23.85 8.81 6.19
C LYS A 27 24.56 8.56 4.85
N VAL A 28 23.93 9.06 3.75
CA VAL A 28 24.48 8.94 2.40
C VAL A 28 24.31 10.27 1.68
N ASP A 29 25.16 10.52 0.69
CA ASP A 29 24.97 11.65 -0.21
C ASP A 29 24.28 11.17 -1.47
N VAL A 30 23.47 12.04 -2.06
CA VAL A 30 22.50 11.64 -3.07
C VAL A 30 22.42 12.71 -4.14
N TRP A 31 22.44 12.30 -5.41
CA TRP A 31 22.25 13.23 -6.54
C TRP A 31 21.16 12.63 -7.43
N LEU A 32 20.00 13.26 -7.44
CA LEU A 32 18.84 12.70 -8.14
C LEU A 32 18.54 13.53 -9.37
N GLY A 33 18.16 12.87 -10.44
CA GLY A 33 17.75 13.58 -11.65
C GLY A 33 18.89 14.27 -12.39
N ILE A 34 20.08 13.65 -12.46
CA ILE A 34 21.16 14.18 -13.30
C ILE A 34 20.80 13.96 -14.77
N PRO A 35 20.74 14.98 -15.62
CA PRO A 35 20.41 14.74 -17.03
C PRO A 35 21.61 14.13 -17.79
N TYR A 36 21.31 13.16 -18.67
CA TYR A 36 22.38 12.57 -19.49
C TYR A 36 22.10 12.60 -20.98
N ALA A 37 20.94 13.11 -21.40
CA ALA A 37 20.61 13.27 -22.82
C ALA A 37 19.79 14.55 -23.00
N GLN A 38 19.74 15.05 -24.22
CA GLN A 38 18.69 15.97 -24.61
C GLN A 38 17.32 15.31 -24.40
N PRO A 39 16.30 16.03 -23.94
CA PRO A 39 14.96 15.44 -23.88
C PRO A 39 14.57 14.89 -25.22
N PRO A 40 14.18 13.61 -25.29
CA PRO A 40 13.91 12.98 -26.61
C PRO A 40 12.53 13.28 -27.14
N VAL A 41 12.25 14.59 -27.35
CA VAL A 41 10.89 15.07 -27.62
C VAL A 41 10.82 15.69 -29.02
N GLY A 42 9.59 15.82 -29.50
CA GLY A 42 9.39 16.40 -30.80
C GLY A 42 9.99 15.57 -31.92
N PRO A 43 10.94 16.14 -32.66
CA PRO A 43 11.53 15.42 -33.80
C PRO A 43 12.40 14.23 -33.39
N LEU A 44 12.85 14.22 -32.14
CA LEU A 44 13.72 13.23 -31.56
C LEU A 44 12.97 12.00 -31.05
N ARG A 45 11.64 12.05 -30.99
CA ARG A 45 10.91 10.87 -30.55
C ARG A 45 11.26 9.68 -31.45
N PHE A 46 11.37 8.51 -30.80
CA PHE A 46 11.64 7.20 -31.39
C PHE A 46 13.11 7.06 -31.79
N ARG A 47 13.88 8.12 -31.73
CA ARG A 47 15.23 8.10 -32.24
C ARG A 47 16.23 7.97 -31.12
N HIS A 48 17.46 7.61 -31.49
CA HIS A 48 18.46 7.40 -30.47
C HIS A 48 18.75 8.70 -29.73
N PRO A 49 19.18 8.63 -28.46
CA PRO A 49 19.38 9.84 -27.66
C PRO A 49 20.52 10.71 -28.16
N ARG A 50 20.34 12.11 -28.07
CA ARG A 50 21.60 12.85 -28.19
C ARG A 50 22.14 13.19 -26.80
N PRO A 51 23.45 13.30 -26.59
CA PRO A 51 23.98 13.64 -25.26
C PRO A 51 23.49 15.02 -24.78
N ALA A 52 23.59 15.22 -23.46
CA ALA A 52 23.05 16.43 -22.83
C ALA A 52 23.91 17.66 -23.14
N GLU A 53 23.25 18.78 -23.45
CA GLU A 53 23.98 20.04 -23.63
C GLU A 53 24.49 20.59 -22.29
N LYS A 54 25.71 21.13 -22.35
CA LYS A 54 26.38 21.76 -21.22
C LYS A 54 25.52 22.86 -20.59
N TRP A 55 25.63 23.04 -19.28
CA TRP A 55 24.88 24.11 -18.61
C TRP A 55 25.80 24.92 -17.68
N THR A 56 25.49 26.22 -17.58
CA THR A 56 26.15 27.10 -16.63
C THR A 56 25.39 27.12 -15.31
N GLY A 57 26.10 27.41 -14.25
CA GLY A 57 25.50 27.49 -12.94
C GLY A 57 25.62 26.17 -12.22
N VAL A 58 24.80 26.01 -11.19
CA VAL A 58 24.76 24.79 -10.41
C VAL A 58 23.34 24.24 -10.52
N LEU A 59 23.21 23.05 -11.08
CA LEU A 59 21.93 22.39 -11.24
C LEU A 59 21.61 21.65 -9.95
N ASN A 60 20.45 21.94 -9.37
CA ASN A 60 20.03 21.30 -8.14
C ASN A 60 19.49 19.91 -8.50
N THR A 61 20.19 18.88 -8.07
CA THR A 61 19.81 17.52 -8.39
C THR A 61 19.43 16.86 -7.08
N THR A 62 18.22 17.14 -6.61
CA THR A 62 17.81 16.70 -5.28
C THR A 62 16.43 16.06 -5.28
N THR A 63 15.74 16.05 -6.40
CA THR A 63 14.39 15.58 -6.58
C THR A 63 14.36 14.36 -7.48
N PRO A 64 13.68 13.28 -7.10
CA PRO A 64 13.56 12.13 -7.98
C PRO A 64 12.99 12.53 -9.33
N PRO A 65 13.56 12.02 -10.42
CA PRO A 65 13.24 12.55 -11.75
C PRO A 65 11.89 12.04 -12.24
N ASN A 66 11.42 12.67 -13.32
CA ASN A 66 10.27 12.18 -14.06
C ASN A 66 10.44 10.71 -14.47
N SER A 67 9.31 10.02 -14.58
CA SER A 67 9.20 8.70 -15.13
C SER A 67 8.83 8.76 -16.61
N CYS A 68 9.32 7.79 -17.39
CA CYS A 68 9.01 7.79 -18.83
C CYS A 68 7.57 7.37 -19.02
N VAL A 69 6.96 7.89 -20.08
CA VAL A 69 5.54 7.66 -20.33
C VAL A 69 5.26 6.16 -20.53
N GLN A 70 4.22 5.66 -19.87
CA GLN A 70 3.88 4.25 -19.85
C GLN A 70 2.44 4.12 -19.33
N ILE A 71 1.79 3.00 -19.65
CA ILE A 71 0.45 2.72 -19.09
C ILE A 71 0.60 2.44 -17.60
N VAL A 72 -0.47 2.74 -16.85
CA VAL A 72 -0.55 2.56 -15.41
C VAL A 72 -1.44 1.36 -15.15
N ASP A 73 -1.04 0.52 -14.20
CA ASP A 73 -1.80 -0.69 -13.91
C ASP A 73 -2.90 -0.38 -12.90
N THR A 74 -4.17 -0.54 -13.30
CA THR A 74 -5.29 -0.39 -12.37
C THR A 74 -6.13 -1.66 -12.21
N VAL A 75 -5.69 -2.81 -12.75
CA VAL A 75 -6.49 -4.04 -12.73
C VAL A 75 -6.99 -4.37 -11.31
N PHE A 76 -6.16 -4.16 -10.29
CA PHE A 76 -6.52 -4.48 -8.92
C PHE A 76 -6.63 -3.22 -8.05
N GLY A 77 -6.83 -2.06 -8.68
CA GLY A 77 -7.08 -0.87 -7.88
C GLY A 77 -5.89 -0.51 -7.02
N ASP A 78 -6.14 -0.17 -5.77
CA ASP A 78 -5.06 0.26 -4.88
C ASP A 78 -4.39 -0.89 -4.11
N PHE A 79 -4.41 -2.12 -4.66
CA PHE A 79 -3.74 -3.27 -4.01
C PHE A 79 -2.23 -3.03 -3.92
N PRO A 80 -1.64 -3.04 -2.72
CA PRO A 80 -0.20 -2.73 -2.58
C PRO A 80 0.72 -3.60 -3.42
N GLY A 81 0.35 -4.86 -3.64
CA GLY A 81 1.17 -5.71 -4.47
C GLY A 81 1.30 -5.22 -5.89
N ALA A 82 0.33 -4.44 -6.36
CA ALA A 82 0.38 -3.87 -7.71
C ALA A 82 0.88 -2.43 -7.71
N THR A 83 0.50 -1.61 -6.73
CA THR A 83 0.86 -0.19 -6.81
C THR A 83 2.36 0.02 -6.63
N MET A 84 3.07 -0.92 -5.99
CA MET A 84 4.51 -0.79 -5.81
C MET A 84 5.27 -0.79 -7.14
N TRP A 85 4.66 -1.18 -8.24
CA TRP A 85 5.29 -1.19 -9.54
C TRP A 85 4.84 -0.07 -10.45
N ASN A 86 3.93 0.77 -10.00
CA ASN A 86 3.45 1.89 -10.80
C ASN A 86 4.37 3.11 -10.67
N PRO A 87 4.46 3.94 -11.70
CA PRO A 87 5.32 5.14 -11.61
C PRO A 87 4.93 5.99 -10.42
N ASN A 88 5.93 6.39 -9.61
CA ASN A 88 5.67 7.19 -8.42
C ASN A 88 6.15 8.64 -8.55
N THR A 89 6.37 9.11 -9.78
CA THR A 89 6.81 10.46 -10.10
C THR A 89 6.11 10.80 -11.41
N PRO A 90 6.05 12.09 -11.76
CA PRO A 90 5.23 12.46 -12.93
C PRO A 90 5.74 11.81 -14.21
N LEU A 91 4.81 11.46 -15.10
CA LEU A 91 5.11 10.89 -16.40
C LEU A 91 5.42 11.98 -17.41
N SER A 92 6.52 11.81 -18.16
CA SER A 92 6.92 12.78 -19.17
C SER A 92 7.84 12.09 -20.18
N GLU A 93 7.81 12.54 -21.45
CA GLU A 93 8.84 12.11 -22.40
C GLU A 93 10.20 12.69 -22.03
N ASP A 94 10.22 13.75 -21.23
CA ASP A 94 11.46 14.31 -20.70
C ASP A 94 11.83 13.47 -19.48
N CYS A 95 12.48 12.32 -19.73
CA CYS A 95 12.74 11.40 -18.62
C CYS A 95 14.14 10.83 -18.53
N LEU A 96 15.08 11.29 -19.35
CA LEU A 96 16.40 10.65 -19.45
C LEU A 96 17.33 11.22 -18.38
N TYR A 97 17.32 10.61 -17.18
CA TYR A 97 18.07 11.09 -16.04
C TYR A 97 18.74 9.91 -15.36
N ILE A 98 19.78 10.20 -14.60
CA ILE A 98 20.53 9.25 -13.78
C ILE A 98 20.46 9.70 -12.32
N ASN A 99 20.55 8.75 -11.41
CA ASN A 99 20.67 9.00 -9.98
C ASN A 99 21.94 8.37 -9.44
N VAL A 100 22.66 9.10 -8.59
CA VAL A 100 23.86 8.59 -7.92
C VAL A 100 23.67 8.72 -6.42
N VAL A 101 24.05 7.66 -5.70
CA VAL A 101 23.98 7.62 -4.24
C VAL A 101 25.30 7.06 -3.71
N ALA A 102 26.02 7.88 -2.91
CA ALA A 102 27.33 7.53 -2.38
C ALA A 102 27.31 7.36 -0.88
N PRO A 103 28.14 6.48 -0.32
CA PRO A 103 28.24 6.36 1.14
C PRO A 103 28.91 7.57 1.77
N ARG A 104 28.87 7.58 3.12
CA ARG A 104 29.55 8.58 3.97
C ARG A 104 30.34 7.79 5.01
N PRO A 105 31.64 8.08 5.19
CA PRO A 105 32.36 9.13 4.44
C PRO A 105 32.61 8.71 2.99
N ARG A 106 32.77 9.69 2.08
CA ARG A 106 32.79 9.37 0.64
C ARG A 106 34.04 8.56 0.28
N PRO A 107 33.90 7.43 -0.42
CA PRO A 107 35.09 6.66 -0.81
C PRO A 107 35.85 7.31 -1.95
N LYS A 108 37.00 6.72 -2.25
CA LYS A 108 37.88 7.20 -3.31
C LYS A 108 37.70 6.42 -4.61
N ASN A 109 37.73 5.06 -4.53
CA ASN A 109 37.60 4.13 -5.68
C ASN A 109 36.71 2.98 -5.23
N ALA A 110 35.45 3.29 -4.97
CA ALA A 110 34.54 2.24 -4.56
C ALA A 110 33.98 1.55 -5.79
N ALA A 111 33.60 0.27 -5.63
CA ALA A 111 32.85 -0.41 -6.69
C ALA A 111 31.49 0.27 -6.90
N VAL A 112 30.98 0.17 -8.13
CA VAL A 112 29.76 0.87 -8.56
C VAL A 112 28.74 -0.17 -8.99
N MET A 113 27.59 -0.20 -8.33
CA MET A 113 26.49 -1.08 -8.71
C MET A 113 25.44 -0.26 -9.43
N LEU A 114 25.21 -0.59 -10.70
CA LEU A 114 24.35 0.17 -11.58
C LEU A 114 23.09 -0.64 -11.89
N TRP A 115 21.92 -0.14 -11.45
CA TRP A 115 20.65 -0.86 -11.58
C TRP A 115 19.88 -0.50 -12.87
N ILE A 116 19.35 -1.51 -13.55
CA ILE A 116 18.50 -1.30 -14.72
C ILE A 116 17.15 -1.96 -14.40
N PHE A 117 16.09 -1.15 -14.30
CA PHE A 117 14.80 -1.67 -13.87
C PHE A 117 14.16 -2.54 -14.96
N GLY A 118 13.33 -3.49 -14.51
CA GLY A 118 12.52 -4.31 -15.39
C GLY A 118 11.08 -3.82 -15.46
N GLY A 119 10.24 -4.61 -16.15
CA GLY A 119 8.91 -4.12 -16.50
C GLY A 119 8.45 -4.47 -17.90
N SER A 120 9.09 -5.54 -18.42
CA SER A 120 8.72 -6.18 -19.69
C SER A 120 8.84 -5.21 -20.86
N PHE A 121 9.71 -4.22 -20.73
CA PHE A 121 10.04 -3.23 -21.75
C PHE A 121 8.91 -2.26 -22.06
N TYR A 122 7.75 -2.28 -21.35
CA TYR A 122 6.70 -1.27 -21.51
C TYR A 122 6.43 -0.44 -20.26
N SER A 123 7.08 -0.75 -19.15
CA SER A 123 6.75 -0.15 -17.87
C SER A 123 8.04 -0.07 -17.07
N GLY A 124 8.00 0.71 -15.98
CA GLY A 124 9.10 0.71 -15.03
C GLY A 124 9.73 2.06 -14.82
N THR A 125 10.46 2.24 -13.71
CA THR A 125 11.10 3.53 -13.50
C THR A 125 12.13 3.34 -12.41
N ALA A 126 13.22 4.13 -12.51
CA ALA A 126 14.26 3.99 -11.50
C ALA A 126 13.84 4.55 -10.16
N THR A 127 12.72 5.29 -10.11
CA THR A 127 12.37 6.02 -8.90
C THR A 127 11.54 5.23 -7.90
N LEU A 128 11.16 3.99 -8.19
CA LEU A 128 10.29 3.20 -7.31
C LEU A 128 10.90 3.08 -5.92
N ASP A 129 10.03 3.13 -4.90
CA ASP A 129 10.51 3.01 -3.52
C ASP A 129 11.23 1.68 -3.34
N VAL A 130 10.77 0.64 -4.03
CA VAL A 130 11.37 -0.67 -3.83
C VAL A 130 12.84 -0.66 -4.28
N TYR A 131 13.23 0.24 -5.20
CA TYR A 131 14.61 0.36 -5.67
C TYR A 131 15.44 1.34 -4.87
N ASP A 132 14.94 1.85 -3.75
CA ASP A 132 15.62 2.94 -3.06
C ASP A 132 17.05 2.51 -2.69
N HIS A 133 18.04 3.34 -3.06
CA HIS A 133 19.45 2.95 -3.09
C HIS A 133 20.17 3.07 -1.75
N ARG A 134 19.59 3.68 -0.73
CA ARG A 134 20.37 4.13 0.42
C ARG A 134 20.87 2.98 1.27
N ALA A 135 20.04 1.97 1.49
CA ALA A 135 20.46 0.86 2.35
C ALA A 135 21.63 0.11 1.73
N LEU A 136 21.54 -0.18 0.43
CA LEU A 136 22.59 -0.97 -0.21
C LEU A 136 23.90 -0.20 -0.21
N ALA A 137 23.85 1.08 -0.60
CA ALA A 137 25.05 1.91 -0.61
C ALA A 137 25.68 1.99 0.78
N SER A 138 24.88 2.25 1.81
CA SER A 138 25.50 2.50 3.10
C SER A 138 25.87 1.22 3.83
N GLU A 139 25.14 0.12 3.64
CA GLU A 139 25.53 -1.08 4.37
C GLU A 139 26.71 -1.77 3.70
N GLU A 140 26.89 -1.61 2.39
CA GLU A 140 27.87 -2.37 1.66
C GLU A 140 28.99 -1.50 1.12
N ASN A 141 28.89 -0.19 1.32
CA ASN A 141 29.94 0.74 0.96
C ASN A 141 30.25 0.68 -0.54
N VAL A 142 29.23 0.88 -1.37
CA VAL A 142 29.37 0.94 -2.82
C VAL A 142 28.62 2.16 -3.32
N ILE A 143 29.03 2.65 -4.48
CA ILE A 143 28.25 3.66 -5.19
C ILE A 143 27.10 2.95 -5.87
N VAL A 144 25.87 3.39 -5.60
CA VAL A 144 24.70 2.81 -6.26
C VAL A 144 24.17 3.81 -7.26
N VAL A 145 24.01 3.39 -8.52
CA VAL A 145 23.56 4.24 -9.62
C VAL A 145 22.33 3.59 -10.25
N SER A 146 21.43 4.42 -10.75
CA SER A 146 20.25 3.95 -11.48
C SER A 146 19.99 4.93 -12.63
N LEU A 147 19.27 4.45 -13.63
CA LEU A 147 19.05 5.23 -14.84
C LEU A 147 17.63 5.00 -15.31
N GLN A 148 17.10 6.01 -16.00
CA GLN A 148 15.87 5.86 -16.76
C GLN A 148 16.20 5.52 -18.19
N TYR A 149 15.28 4.84 -18.85
CA TYR A 149 15.39 4.62 -20.28
C TYR A 149 13.97 4.56 -20.76
N ARG A 150 13.76 4.92 -22.03
CA ARG A 150 12.42 4.90 -22.60
C ARG A 150 11.91 3.46 -22.71
N VAL A 151 10.60 3.29 -22.50
CA VAL A 151 9.94 1.98 -22.56
C VAL A 151 8.82 2.06 -23.60
N ALA A 152 8.16 0.93 -23.86
CA ALA A 152 7.02 0.86 -24.76
C ALA A 152 7.38 1.28 -26.17
N SER A 153 6.40 1.66 -26.99
CA SER A 153 6.71 2.07 -28.37
C SER A 153 7.64 3.28 -28.40
N LEU A 154 7.58 4.14 -27.38
CA LEU A 154 8.50 5.27 -27.35
C LEU A 154 9.94 4.82 -27.22
N GLY A 155 10.17 3.64 -26.65
CA GLY A 155 11.52 3.16 -26.48
C GLY A 155 11.97 2.19 -27.54
N PHE A 156 11.01 1.55 -28.25
CA PHE A 156 11.36 0.36 -29.02
C PHE A 156 10.60 0.23 -30.33
N LEU A 157 9.92 1.27 -30.79
CA LEU A 157 9.34 1.28 -32.13
C LEU A 157 10.44 1.02 -33.18
N PHE A 158 10.14 0.12 -34.12
CA PHE A 158 11.04 -0.20 -35.21
C PHE A 158 10.26 -0.26 -36.51
N LEU A 159 10.74 0.46 -37.53
CA LEU A 159 10.24 0.34 -38.89
C LEU A 159 11.33 0.05 -39.91
N GLY A 160 12.58 -0.10 -39.47
CA GLY A 160 13.67 -0.29 -40.42
C GLY A 160 13.98 0.95 -41.23
N THR A 161 13.68 2.12 -40.72
CA THR A 161 14.06 3.38 -41.35
C THR A 161 14.89 4.19 -40.37
N PRO A 162 15.66 5.17 -40.85
CA PRO A 162 16.48 5.96 -39.92
C PRO A 162 15.67 6.65 -38.83
N GLU A 163 14.40 7.04 -39.08
CA GLU A 163 13.62 7.75 -38.06
C GLU A 163 12.82 6.82 -37.14
N ALA A 164 12.89 5.52 -37.35
CA ALA A 164 12.38 4.51 -36.42
C ALA A 164 13.36 3.35 -36.43
N PRO A 165 14.58 3.56 -35.91
CA PRO A 165 15.64 2.56 -36.11
C PRO A 165 15.61 1.38 -35.14
N GLY A 166 14.78 1.46 -34.11
CA GLY A 166 14.65 0.45 -33.08
C GLY A 166 15.66 0.62 -31.96
N ASN A 167 15.35 0.02 -30.81
CA ASN A 167 16.25 -0.07 -29.68
C ASN A 167 16.64 1.28 -29.07
N ALA A 168 15.82 2.33 -29.24
CA ALA A 168 16.14 3.61 -28.62
C ALA A 168 16.38 3.46 -27.12
N GLY A 169 15.53 2.69 -26.43
CA GLY A 169 15.73 2.48 -25.00
C GLY A 169 17.06 1.86 -24.63
N LEU A 170 17.61 0.98 -25.49
CA LEU A 170 18.93 0.38 -25.24
C LEU A 170 20.03 1.39 -25.51
N PHE A 171 19.89 2.18 -26.58
CA PHE A 171 20.82 3.30 -26.77
C PHE A 171 20.74 4.30 -25.60
N ASP A 172 19.55 4.53 -25.02
CA ASP A 172 19.49 5.33 -23.78
C ASP A 172 20.39 4.74 -22.71
N GLN A 173 20.23 3.45 -22.44
CA GLN A 173 21.07 2.80 -21.42
C GLN A 173 22.56 2.92 -21.77
N ASN A 174 22.90 2.74 -23.04
CA ASN A 174 24.31 2.86 -23.44
C ASN A 174 24.88 4.25 -23.13
N LEU A 175 24.16 5.30 -23.53
CA LEU A 175 24.56 6.66 -23.19
C LEU A 175 24.72 6.85 -21.68
N ALA A 176 23.77 6.35 -20.89
CA ALA A 176 23.93 6.46 -19.45
C ALA A 176 25.19 5.76 -18.98
N LEU A 177 25.46 4.54 -19.48
CA LEU A 177 26.72 3.84 -19.13
C LEU A 177 27.94 4.69 -19.44
N ARG A 178 27.99 5.28 -20.63
N ARG A 178 27.96 5.32 -20.61
CA ARG A 178 29.03 6.23 -20.96
CA ARG A 178 29.07 6.21 -20.94
C ARG A 178 29.15 7.32 -19.90
C ARG A 178 29.16 7.38 -19.95
N TRP A 179 28.00 7.93 -19.52
CA TRP A 179 28.03 9.00 -18.54
C TRP A 179 28.72 8.54 -17.28
N VAL A 180 28.41 7.31 -16.85
CA VAL A 180 28.99 6.78 -15.65
C VAL A 180 30.50 6.67 -15.79
N ARG A 181 30.98 6.20 -16.94
CA ARG A 181 32.43 6.01 -17.03
C ARG A 181 33.12 7.36 -17.11
N ASP A 182 32.50 8.32 -17.77
CA ASP A 182 33.09 9.66 -17.80
C ASP A 182 33.02 10.41 -16.45
N ASN A 183 32.11 10.07 -15.51
CA ASN A 183 31.86 10.94 -14.34
C ASN A 183 31.92 10.29 -12.96
N ILE A 184 31.78 8.96 -12.83
CA ILE A 184 31.49 8.39 -11.51
C ILE A 184 32.67 8.54 -10.55
N HIS A 185 33.86 8.85 -11.07
CA HIS A 185 35.01 9.01 -10.18
C HIS A 185 34.90 10.30 -9.38
N ARG A 186 34.20 11.29 -9.92
CA ARG A 186 33.87 12.51 -9.19
C ARG A 186 32.95 12.26 -8.01
N PHE A 187 32.28 11.12 -7.96
CA PHE A 187 31.42 10.78 -6.83
C PHE A 187 32.04 9.75 -5.94
N GLY A 188 33.28 9.35 -6.21
CA GLY A 188 33.97 8.38 -5.39
C GLY A 188 33.94 6.97 -5.91
N GLY A 189 33.56 6.75 -7.16
CA GLY A 189 33.47 5.42 -7.73
C GLY A 189 34.61 5.12 -8.69
N ASP A 190 35.01 3.88 -8.70
CA ASP A 190 36.00 3.44 -9.70
C ASP A 190 35.33 3.11 -11.02
N PRO A 191 35.55 3.88 -12.10
CA PRO A 191 34.82 3.60 -13.36
C PRO A 191 35.22 2.28 -14.02
N SER A 192 36.23 1.59 -13.48
N SER A 192 36.24 1.59 -13.50
CA SER A 192 36.63 0.28 -13.96
CA SER A 192 36.57 0.27 -14.01
C SER A 192 36.00 -0.84 -13.14
C SER A 192 36.04 -0.83 -13.10
N ARG A 193 35.06 -0.50 -12.27
CA ARG A 193 34.46 -1.48 -11.34
C ARG A 193 32.94 -1.36 -11.29
N VAL A 194 32.34 -1.15 -12.46
CA VAL A 194 30.88 -1.06 -12.62
C VAL A 194 30.31 -2.47 -12.80
N THR A 195 29.47 -2.92 -11.85
CA THR A 195 28.67 -4.14 -11.98
C THR A 195 27.26 -3.71 -12.39
N LEU A 196 26.80 -4.15 -13.57
CA LEU A 196 25.42 -3.92 -13.96
C LEU A 196 24.55 -4.94 -13.24
N PHE A 197 23.38 -4.51 -12.75
CA PHE A 197 22.42 -5.49 -12.24
C PHE A 197 21.01 -5.03 -12.58
N GLY A 198 20.13 -6.02 -12.79
CA GLY A 198 18.76 -5.76 -13.22
C GLY A 198 17.95 -7.02 -13.07
N GLU A 199 16.64 -6.84 -13.16
CA GLU A 199 15.69 -7.93 -12.96
C GLU A 199 14.71 -7.91 -14.12
N SER A 200 14.37 -9.12 -14.61
CA SER A 200 13.39 -9.34 -15.68
C SER A 200 13.88 -8.62 -16.94
N ALA A 201 13.11 -7.64 -17.51
CA ALA A 201 13.57 -6.93 -18.69
C ALA A 201 14.82 -6.11 -18.39
N GLY A 202 15.05 -5.77 -17.12
CA GLY A 202 16.34 -5.20 -16.74
C GLY A 202 17.50 -6.18 -16.85
N ALA A 203 17.26 -7.44 -16.47
CA ALA A 203 18.26 -8.49 -16.68
C ALA A 203 18.52 -8.73 -18.17
N VAL A 204 17.46 -8.80 -18.97
CA VAL A 204 17.64 -8.94 -20.41
C VAL A 204 18.54 -7.82 -20.93
N SER A 205 18.23 -6.59 -20.50
CA SER A 205 19.01 -5.43 -20.87
C SER A 205 20.47 -5.61 -20.49
N VAL A 206 20.73 -5.99 -19.23
CA VAL A 206 22.09 -6.26 -18.80
C VAL A 206 22.74 -7.27 -19.75
N SER A 207 22.04 -8.37 -20.03
CA SER A 207 22.63 -9.41 -20.88
C SER A 207 22.94 -8.89 -22.28
N LEU A 208 22.11 -7.95 -22.78
CA LEU A 208 22.36 -7.40 -24.11
C LEU A 208 23.58 -6.47 -24.08
N HIS A 209 23.86 -5.85 -22.94
CA HIS A 209 25.14 -5.16 -22.81
C HIS A 209 26.31 -6.11 -22.74
N LEU A 210 26.10 -7.39 -22.33
CA LEU A 210 27.16 -8.38 -22.39
C LEU A 210 27.44 -8.81 -23.82
N LEU A 211 26.55 -8.53 -24.76
CA LEU A 211 26.74 -8.88 -26.16
C LEU A 211 27.22 -7.70 -27.01
N SER A 212 26.61 -6.53 -26.84
CA SER A 212 26.82 -5.42 -27.78
C SER A 212 28.27 -4.97 -27.82
N ALA A 213 28.78 -4.73 -29.04
CA ALA A 213 30.09 -4.12 -29.17
C ALA A 213 30.13 -2.66 -28.69
N LEU A 214 28.98 -1.97 -28.66
CA LEU A 214 28.96 -0.59 -28.18
C LEU A 214 29.08 -0.50 -26.67
N SER A 215 28.70 -1.55 -25.95
CA SER A 215 28.73 -1.53 -24.49
C SER A 215 29.89 -2.30 -23.89
N ARG A 216 30.67 -3.02 -24.72
CA ARG A 216 31.62 -4.01 -24.23
C ARG A 216 32.59 -3.45 -23.18
N ASP A 217 33.08 -2.22 -23.37
CA ASP A 217 34.08 -1.67 -22.44
C ASP A 217 33.50 -0.75 -21.40
N LEU A 218 32.17 -0.71 -21.26
CA LEU A 218 31.52 0.25 -20.38
C LEU A 218 31.22 -0.31 -19.00
N PHE A 219 31.58 -1.56 -18.70
CA PHE A 219 31.31 -2.12 -17.38
C PHE A 219 32.21 -3.33 -17.17
N GLN A 220 32.24 -3.82 -15.94
CA GLN A 220 33.13 -4.92 -15.55
C GLN A 220 32.44 -6.27 -15.44
N ARG A 221 31.31 -6.36 -14.73
CA ARG A 221 30.63 -7.65 -14.58
C ARG A 221 29.12 -7.42 -14.47
N ALA A 222 28.36 -8.50 -14.29
CA ALA A 222 26.91 -8.40 -14.47
C ALA A 222 26.18 -9.35 -13.52
N ILE A 223 25.06 -8.87 -12.98
CA ILE A 223 24.11 -9.67 -12.19
C ILE A 223 22.79 -9.67 -12.93
N LEU A 224 22.21 -10.86 -13.15
CA LEU A 224 21.00 -10.99 -13.97
C LEU A 224 19.93 -11.75 -13.17
N GLN A 225 18.95 -11.01 -12.66
CA GLN A 225 17.87 -11.57 -11.86
C GLN A 225 16.68 -11.89 -12.77
N SER A 226 16.41 -13.19 -12.96
CA SER A 226 15.20 -13.68 -13.65
C SER A 226 15.04 -13.09 -15.03
N GLY A 227 16.10 -13.08 -15.81
CA GLY A 227 16.00 -12.66 -17.20
C GLY A 227 17.22 -13.08 -17.97
N SER A 228 17.02 -13.36 -19.26
CA SER A 228 18.06 -13.83 -20.16
C SER A 228 17.67 -13.47 -21.58
N PRO A 229 18.63 -13.24 -22.49
CA PRO A 229 18.32 -12.81 -23.85
C PRO A 229 17.82 -13.92 -24.76
N THR A 230 17.75 -15.16 -24.28
CA THR A 230 17.16 -16.25 -25.04
C THR A 230 15.69 -16.46 -24.72
N ALA A 231 15.16 -15.69 -23.75
CA ALA A 231 13.73 -15.77 -23.43
C ALA A 231 12.92 -15.46 -24.68
N PRO A 232 11.84 -16.19 -24.96
CA PRO A 232 11.15 -15.95 -26.23
C PRO A 232 10.50 -14.55 -26.33
N TRP A 233 10.22 -13.89 -25.21
CA TRP A 233 9.68 -12.52 -25.18
C TRP A 233 10.73 -11.43 -25.29
N ALA A 234 12.02 -11.77 -25.22
CA ALA A 234 13.07 -10.77 -25.07
C ALA A 234 13.36 -9.99 -26.35
N LEU A 235 13.10 -10.58 -27.51
CA LEU A 235 13.32 -9.93 -28.80
C LEU A 235 12.16 -10.25 -29.74
N VAL A 236 12.03 -9.44 -30.78
CA VAL A 236 11.01 -9.64 -31.79
C VAL A 236 11.71 -9.52 -33.14
N SER A 237 11.24 -10.24 -34.14
CA SER A 237 11.90 -10.13 -35.44
C SER A 237 11.68 -8.73 -36.03
N ARG A 238 12.61 -8.34 -36.91
CA ARG A 238 12.48 -7.06 -37.59
C ARG A 238 11.20 -7.05 -38.42
N GLU A 239 10.87 -8.19 -39.03
CA GLU A 239 9.68 -8.25 -39.86
C GLU A 239 8.41 -8.05 -39.03
N GLU A 240 8.33 -8.69 -37.86
CA GLU A 240 7.16 -8.56 -37.00
C GLU A 240 7.14 -7.21 -36.29
N ALA A 241 8.31 -6.68 -35.92
CA ALA A 241 8.32 -5.36 -35.31
C ALA A 241 7.71 -4.33 -36.24
N THR A 242 8.04 -4.42 -37.54
CA THR A 242 7.51 -3.46 -38.49
C THR A 242 5.99 -3.52 -38.54
N LEU A 243 5.44 -4.74 -38.58
CA LEU A 243 4.00 -4.91 -38.59
C LEU A 243 3.36 -4.35 -37.33
N ARG A 244 3.96 -4.61 -36.16
CA ARG A 244 3.40 -4.11 -34.91
C ARG A 244 3.40 -2.58 -34.89
N ALA A 245 4.48 -1.98 -35.39
CA ALA A 245 4.52 -0.53 -35.47
C ALA A 245 3.41 -0.01 -36.38
N LEU A 246 3.29 -0.62 -37.57
CA LEU A 246 2.24 -0.19 -38.49
C LEU A 246 0.85 -0.41 -37.89
N ARG A 247 0.65 -1.52 -37.15
CA ARG A 247 -0.61 -1.71 -36.46
C ARG A 247 -0.86 -0.61 -35.42
N LEU A 248 0.17 -0.17 -34.71
CA LEU A 248 0.00 0.93 -33.78
C LEU A 248 -0.42 2.21 -34.52
N ALA A 249 0.18 2.46 -35.70
CA ALA A 249 -0.19 3.64 -36.48
C ALA A 249 -1.66 3.58 -36.87
N GLU A 250 -2.09 2.43 -37.38
CA GLU A 250 -3.50 2.25 -37.71
C GLU A 250 -4.38 2.53 -36.49
N ALA A 251 -4.03 1.92 -35.36
CA ALA A 251 -4.88 1.97 -34.18
C ALA A 251 -5.10 3.40 -33.68
N VAL A 252 -4.17 4.32 -33.95
CA VAL A 252 -4.29 5.69 -33.47
C VAL A 252 -4.66 6.66 -34.58
N GLY A 253 -5.02 6.13 -35.76
CA GLY A 253 -5.53 6.94 -36.86
C GLY A 253 -4.50 7.54 -37.79
N CYS A 254 -3.29 6.99 -37.81
CA CYS A 254 -2.20 7.46 -38.63
C CYS A 254 -2.12 6.67 -39.91
N PRO A 255 -1.48 7.21 -40.94
CA PRO A 255 -1.19 6.42 -42.14
C PRO A 255 -0.31 5.22 -41.78
N HIS A 256 -0.48 4.14 -42.55
CA HIS A 256 0.16 2.89 -42.18
C HIS A 256 0.42 2.03 -43.41
N GLU A 257 0.90 2.66 -44.48
CA GLU A 257 1.15 1.92 -45.71
C GLU A 257 2.60 1.42 -45.73
N PRO A 258 2.83 0.09 -45.85
CA PRO A 258 4.20 -0.46 -45.80
C PRO A 258 5.19 0.22 -46.74
N SER A 259 4.67 0.88 -47.77
CA SER A 259 5.47 1.60 -48.75
C SER A 259 5.79 3.04 -48.40
N LYS A 260 4.99 3.72 -47.56
CA LYS A 260 5.23 5.13 -47.23
C LYS A 260 5.50 5.26 -45.72
N LEU A 261 6.67 4.78 -45.27
CA LEU A 261 6.96 4.75 -43.84
C LEU A 261 7.18 6.14 -43.27
N SER A 262 7.64 7.10 -44.08
CA SER A 262 7.81 8.47 -43.58
C SER A 262 6.48 9.05 -43.10
N ASP A 263 5.40 8.83 -43.86
CA ASP A 263 4.11 9.37 -43.44
C ASP A 263 3.73 8.82 -42.08
N ALA A 264 3.97 7.51 -41.87
CA ALA A 264 3.60 6.87 -40.61
C ALA A 264 4.46 7.39 -39.45
N VAL A 265 5.77 7.51 -39.65
CA VAL A 265 6.59 8.00 -38.55
C VAL A 265 6.23 9.43 -38.20
N GLU A 266 6.05 10.27 -39.23
CA GLU A 266 5.81 11.69 -38.99
C GLU A 266 4.49 11.91 -38.25
N CYS A 267 3.44 11.18 -38.63
CA CYS A 267 2.18 11.24 -37.89
C CYS A 267 2.36 10.75 -36.44
N LEU A 268 3.05 9.60 -36.25
CA LEU A 268 3.25 9.10 -34.89
C LEU A 268 3.98 10.11 -34.03
N ARG A 269 4.89 10.89 -34.63
CA ARG A 269 5.62 11.86 -33.85
C ARG A 269 4.70 12.98 -33.39
N GLY A 270 3.53 13.12 -34.01
CA GLY A 270 2.59 14.13 -33.58
C GLY A 270 1.56 13.69 -32.55
N LYS A 271 1.39 12.39 -32.30
CA LYS A 271 0.38 11.94 -31.35
C LYS A 271 0.82 12.18 -29.90
N ASP A 272 -0.17 12.22 -29.02
CA ASP A 272 0.10 12.32 -27.59
C ASP A 272 0.81 11.05 -27.12
N PRO A 273 1.82 11.15 -26.25
CA PRO A 273 2.56 9.93 -25.86
C PRO A 273 1.70 8.91 -25.11
N HIS A 274 0.77 9.39 -24.27
CA HIS A 274 -0.14 8.48 -23.58
C HIS A 274 -1.07 7.77 -24.56
N VAL A 275 -1.51 8.46 -25.61
CA VAL A 275 -2.32 7.78 -26.61
C VAL A 275 -1.52 6.65 -27.26
N LEU A 276 -0.22 6.88 -27.49
CA LEU A 276 0.60 5.85 -28.14
C LEU A 276 0.70 4.61 -27.26
N VAL A 277 1.13 4.77 -26.00
CA VAL A 277 1.35 3.59 -25.17
C VAL A 277 0.05 2.88 -24.81
N ASN A 278 -1.08 3.58 -24.83
CA ASN A 278 -2.35 2.95 -24.48
C ASN A 278 -3.00 2.23 -25.66
N ASN A 279 -2.40 2.23 -26.84
CA ASN A 279 -2.98 1.51 -27.96
C ASN A 279 -2.05 0.41 -28.47
N GLU A 280 -1.14 -0.06 -27.64
CA GLU A 280 -0.17 -1.01 -28.15
C GLU A 280 -0.64 -2.45 -28.05
N TRP A 281 -1.67 -2.71 -27.25
CA TRP A 281 -1.93 -4.06 -26.74
C TRP A 281 -2.95 -4.74 -27.64
N GLY A 282 -2.45 -5.33 -28.71
CA GLY A 282 -3.31 -6.06 -29.63
C GLY A 282 -3.70 -7.41 -29.06
N THR A 283 -3.78 -8.39 -29.95
CA THR A 283 -4.00 -9.76 -29.55
C THR A 283 -2.62 -10.40 -29.42
N LEU A 284 -2.18 -10.64 -28.19
CA LEU A 284 -0.90 -11.25 -27.89
C LEU A 284 -1.08 -12.35 -26.86
N GLY A 285 -0.18 -13.33 -26.88
CA GLY A 285 -0.21 -14.37 -25.87
C GLY A 285 0.35 -13.91 -24.53
N ILE A 286 0.40 -14.86 -23.59
CA ILE A 286 1.01 -14.57 -22.30
C ILE A 286 2.50 -14.35 -22.54
N CYS A 287 3.10 -13.42 -21.78
CA CYS A 287 4.52 -13.10 -21.93
C CYS A 287 4.88 -12.77 -23.37
N GLU A 288 4.03 -12.03 -24.05
CA GLU A 288 4.33 -11.41 -25.34
C GLU A 288 4.09 -9.91 -25.18
N PHE A 289 5.15 -9.13 -25.37
CA PHE A 289 5.03 -7.71 -25.17
C PHE A 289 5.32 -7.01 -26.49
N PRO A 290 4.51 -6.01 -26.88
CA PRO A 290 4.54 -5.53 -28.29
C PRO A 290 5.84 -4.86 -28.73
N PHE A 291 6.48 -4.04 -27.89
CA PHE A 291 7.65 -3.27 -28.31
C PHE A 291 8.80 -3.60 -27.39
N VAL A 292 9.77 -4.35 -27.94
CA VAL A 292 10.89 -4.95 -27.22
C VAL A 292 12.13 -4.82 -28.12
N PRO A 293 13.33 -5.23 -27.67
CA PRO A 293 14.51 -5.10 -28.55
C PRO A 293 14.38 -5.84 -29.87
N VAL A 294 15.07 -5.32 -30.89
CA VAL A 294 15.29 -6.00 -32.17
C VAL A 294 16.80 -6.14 -32.42
N VAL A 295 17.14 -6.92 -33.45
CA VAL A 295 18.49 -6.90 -34.03
C VAL A 295 18.54 -5.78 -35.04
N ASP A 296 19.24 -4.68 -34.73
CA ASP A 296 19.12 -3.47 -35.54
C ASP A 296 20.24 -3.27 -36.53
N GLY A 297 21.44 -3.77 -36.18
CA GLY A 297 22.64 -3.62 -36.98
C GLY A 297 23.75 -2.89 -36.26
N ALA A 298 23.43 -2.10 -35.24
CA ALA A 298 24.44 -1.30 -34.57
C ALA A 298 24.58 -1.67 -33.11
N PHE A 299 23.48 -1.70 -32.35
CA PHE A 299 23.56 -2.17 -30.97
C PHE A 299 23.75 -3.69 -30.95
N LEU A 300 22.95 -4.43 -31.73
CA LEU A 300 23.14 -5.84 -32.01
C LEU A 300 23.12 -6.08 -33.51
N ASP A 301 24.02 -6.91 -34.04
CA ASP A 301 23.95 -7.28 -35.45
C ASP A 301 23.76 -8.79 -35.66
N GLU A 302 23.43 -9.54 -34.61
CA GLU A 302 23.00 -10.93 -34.75
C GLU A 302 22.10 -11.26 -33.57
N THR A 303 21.28 -12.31 -33.73
CA THR A 303 20.46 -12.74 -32.60
C THR A 303 21.35 -13.15 -31.43
N PRO A 304 20.86 -12.97 -30.20
CA PRO A 304 21.62 -13.44 -29.05
C PRO A 304 22.02 -14.90 -29.15
N GLN A 305 21.16 -15.78 -29.69
CA GLN A 305 21.51 -17.20 -29.72
C GLN A 305 22.71 -17.46 -30.62
N ARG A 306 22.84 -16.66 -31.69
CA ARG A 306 24.02 -16.76 -32.57
C ARG A 306 25.28 -16.23 -31.90
N SER A 307 25.15 -15.21 -31.08
CA SER A 307 26.31 -14.75 -30.31
C SER A 307 26.71 -15.79 -29.30
N LEU A 308 25.73 -16.42 -28.65
CA LEU A 308 26.06 -17.38 -27.61
C LEU A 308 26.74 -18.58 -28.23
N ALA A 309 26.21 -19.06 -29.36
CA ALA A 309 26.76 -20.25 -29.99
C ALA A 309 28.19 -20.01 -30.44
N SER A 310 28.53 -18.78 -30.83
CA SER A 310 29.85 -18.51 -31.39
C SER A 310 30.83 -17.92 -30.39
N GLY A 311 30.43 -17.74 -29.12
CA GLY A 311 31.32 -17.18 -28.13
C GLY A 311 31.53 -15.67 -28.21
N ARG A 312 30.71 -14.97 -29.02
CA ARG A 312 30.83 -13.52 -29.14
C ARG A 312 30.02 -12.86 -28.02
N PHE A 313 30.64 -12.80 -26.84
CA PHE A 313 30.04 -12.14 -25.71
C PHE A 313 31.15 -11.81 -24.71
N LYS A 314 30.87 -10.86 -23.82
CA LYS A 314 31.92 -10.35 -22.95
C LYS A 314 32.41 -11.43 -22.00
N LYS A 315 33.72 -11.53 -21.84
CA LYS A 315 34.27 -12.54 -20.94
C LYS A 315 34.46 -11.92 -19.57
N THR A 316 33.58 -12.30 -18.66
CA THR A 316 33.55 -11.77 -17.31
C THR A 316 32.72 -12.73 -16.48
N GLU A 317 32.69 -12.49 -15.16
CA GLU A 317 31.88 -13.27 -14.25
C GLU A 317 30.44 -12.80 -14.33
N ILE A 318 29.50 -13.69 -14.03
CA ILE A 318 28.08 -13.34 -13.89
C ILE A 318 27.52 -14.08 -12.69
N LEU A 319 26.55 -13.43 -12.05
CA LEU A 319 25.74 -13.99 -10.99
C LEU A 319 24.30 -13.88 -11.45
N THR A 320 23.56 -14.99 -11.37
CA THR A 320 22.25 -15.04 -12.00
C THR A 320 21.38 -16.06 -11.27
N GLY A 321 20.07 -15.97 -11.47
CA GLY A 321 19.19 -16.89 -10.77
C GLY A 321 17.72 -16.69 -11.10
N SER A 322 16.90 -17.54 -10.46
CA SER A 322 15.47 -17.63 -10.68
C SER A 322 14.76 -17.73 -9.35
N ASN A 323 13.45 -17.43 -9.36
CA ASN A 323 12.55 -17.66 -8.24
C ASN A 323 11.71 -18.89 -8.50
N THR A 324 11.09 -19.44 -7.45
CA THR A 324 10.39 -20.72 -7.62
C THR A 324 9.04 -20.58 -8.36
N GLU A 325 8.34 -19.45 -8.27
CA GLU A 325 7.05 -19.31 -8.97
C GLU A 325 7.14 -18.14 -9.95
N GLU A 326 7.85 -18.36 -11.05
CA GLU A 326 8.09 -17.28 -12.01
C GLU A 326 6.87 -17.00 -12.87
N GLY A 327 5.99 -17.98 -13.05
CA GLY A 327 4.88 -17.89 -13.97
C GLY A 327 3.62 -17.21 -13.42
N TYR A 328 3.34 -17.33 -12.11
CA TYR A 328 2.03 -16.94 -11.59
C TYR A 328 1.72 -15.46 -11.89
N TYR A 329 2.67 -14.57 -11.61
CA TYR A 329 2.45 -13.15 -11.84
C TYR A 329 1.83 -12.88 -13.20
N PHE A 330 2.37 -13.50 -14.25
CA PHE A 330 1.85 -13.24 -15.58
C PHE A 330 0.50 -13.92 -15.79
N ILE A 331 0.30 -15.11 -15.21
CA ILE A 331 -0.98 -15.79 -15.37
C ILE A 331 -2.09 -15.03 -14.64
N ILE A 332 -1.75 -14.48 -13.47
CA ILE A 332 -2.73 -13.74 -12.71
C ILE A 332 -3.30 -12.58 -13.53
N TYR A 333 -2.49 -11.98 -14.39
CA TYR A 333 -2.93 -10.88 -15.23
C TYR A 333 -3.45 -11.32 -16.60
N TYR A 334 -3.24 -12.57 -17.01
CA TYR A 334 -3.65 -13.01 -18.34
C TYR A 334 -4.93 -13.86 -18.29
N LEU A 335 -5.01 -14.80 -17.34
CA LEU A 335 -6.20 -15.63 -17.13
C LEU A 335 -6.90 -15.17 -15.87
N THR A 336 -7.56 -13.99 -15.97
CA THR A 336 -8.15 -13.33 -14.82
C THR A 336 -9.42 -14.02 -14.29
N GLU A 337 -10.09 -14.83 -15.12
CA GLU A 337 -11.19 -15.66 -14.60
C GLU A 337 -10.69 -16.92 -13.89
N LEU A 338 -9.56 -17.49 -14.33
CA LEU A 338 -9.11 -18.74 -13.72
C LEU A 338 -8.33 -18.49 -12.44
N LEU A 339 -7.33 -17.63 -12.47
CA LEU A 339 -6.53 -17.38 -11.27
C LEU A 339 -6.94 -16.05 -10.64
N ARG A 340 -8.13 -16.06 -10.03
CA ARG A 340 -8.60 -14.90 -9.30
C ARG A 340 -7.64 -14.57 -8.17
N LYS A 341 -7.48 -13.28 -7.85
CA LYS A 341 -6.55 -12.91 -6.80
C LYS A 341 -7.21 -13.04 -5.42
N GLU A 342 -7.59 -14.27 -5.10
CA GLU A 342 -8.26 -14.61 -3.84
C GLU A 342 -7.51 -15.76 -3.15
N GLU A 343 -7.72 -15.91 -1.86
CA GLU A 343 -7.19 -17.06 -1.15
C GLU A 343 -7.91 -18.34 -1.57
N GLY A 344 -7.17 -19.46 -1.52
CA GLY A 344 -7.77 -20.76 -1.76
C GLY A 344 -8.13 -21.09 -3.19
N VAL A 345 -7.54 -20.41 -4.18
CA VAL A 345 -7.74 -20.80 -5.57
C VAL A 345 -7.11 -22.18 -5.84
N THR A 346 -7.79 -22.97 -6.69
CA THR A 346 -7.35 -24.25 -7.22
C THR A 346 -7.81 -24.36 -8.66
N VAL A 347 -7.30 -25.35 -9.38
CA VAL A 347 -7.60 -25.52 -10.80
C VAL A 347 -8.03 -26.96 -11.05
N THR A 348 -9.19 -27.14 -11.68
CA THR A 348 -9.59 -28.51 -11.98
C THR A 348 -8.78 -29.08 -13.14
N ARG A 349 -8.78 -30.41 -13.23
CA ARG A 349 -8.09 -31.07 -14.32
C ARG A 349 -8.59 -30.58 -15.68
N GLU A 350 -9.90 -30.38 -15.79
CA GLU A 350 -10.45 -29.94 -17.08
C GLU A 350 -10.09 -28.48 -17.34
N GLU A 351 -10.06 -27.65 -16.28
CA GLU A 351 -9.57 -26.27 -16.42
C GLU A 351 -8.09 -26.23 -16.83
N PHE A 352 -7.26 -27.11 -16.25
CA PHE A 352 -5.85 -27.18 -16.62
C PHE A 352 -5.66 -27.50 -18.10
N LEU A 353 -6.39 -28.47 -18.63
CA LEU A 353 -6.21 -28.86 -20.02
C LEU A 353 -6.59 -27.72 -20.95
N GLN A 354 -7.61 -26.93 -20.57
CA GLN A 354 -7.94 -25.76 -21.39
C GLN A 354 -6.85 -24.69 -21.28
N ALA A 355 -6.34 -24.45 -20.06
CA ALA A 355 -5.28 -23.47 -19.87
C ALA A 355 -4.07 -23.80 -20.72
N VAL A 356 -3.72 -25.10 -20.84
CA VAL A 356 -2.52 -25.45 -21.60
C VAL A 356 -2.65 -24.94 -23.03
N ARG A 357 -3.85 -25.04 -23.60
CA ARG A 357 -4.05 -24.53 -24.95
C ARG A 357 -3.96 -23.01 -25.00
N GLU A 358 -4.53 -22.33 -24.00
CA GLU A 358 -4.51 -20.86 -23.98
C GLU A 358 -3.09 -20.35 -23.73
N LEU A 359 -2.33 -21.02 -22.89
CA LEU A 359 -0.99 -20.54 -22.58
C LEU A 359 0.05 -20.98 -23.61
N ASN A 360 -0.23 -21.95 -24.47
CA ASN A 360 0.72 -22.36 -25.51
C ASN A 360 -0.02 -22.36 -26.83
N PRO A 361 -0.45 -21.17 -27.28
CA PRO A 361 -1.43 -21.10 -28.37
C PRO A 361 -0.88 -21.37 -29.76
N TYR A 362 0.44 -21.49 -29.92
CA TYR A 362 1.09 -21.62 -31.22
C TYR A 362 1.52 -23.04 -31.57
N VAL A 363 1.46 -23.99 -30.64
CA VAL A 363 1.98 -25.35 -30.89
C VAL A 363 0.82 -26.25 -31.31
N ASN A 364 1.15 -27.35 -31.98
CA ASN A 364 0.12 -28.22 -32.52
C ASN A 364 -0.35 -29.22 -31.46
N GLY A 365 -1.27 -30.11 -31.86
CA GLY A 365 -1.84 -31.05 -30.92
C GLY A 365 -0.80 -31.93 -30.25
N ALA A 366 0.11 -32.51 -31.03
CA ALA A 366 1.12 -33.37 -30.44
C ALA A 366 1.95 -32.64 -29.40
N ALA A 367 2.33 -31.40 -29.70
CA ALA A 367 3.11 -30.65 -28.74
C ALA A 367 2.33 -30.40 -27.45
N ARG A 368 1.02 -30.13 -27.56
CA ARG A 368 0.20 -29.88 -26.37
C ARG A 368 0.14 -31.10 -25.47
N GLN A 369 0.00 -32.30 -26.05
CA GLN A 369 0.02 -33.53 -25.26
C GLN A 369 1.32 -33.68 -24.51
N ALA A 370 2.44 -33.40 -25.18
CA ALA A 370 3.73 -33.52 -24.52
C ALA A 370 3.80 -32.57 -23.34
N ILE A 371 3.31 -31.32 -23.53
CA ILE A 371 3.25 -30.37 -22.43
C ILE A 371 2.37 -30.90 -21.32
N VAL A 372 1.20 -31.44 -21.67
CA VAL A 372 0.32 -32.00 -20.64
C VAL A 372 1.02 -33.10 -19.88
N PHE A 373 1.67 -34.02 -20.61
CA PHE A 373 2.35 -35.12 -19.95
C PHE A 373 3.47 -34.62 -19.04
N GLU A 374 4.27 -33.68 -19.56
CA GLU A 374 5.39 -33.14 -18.80
C GLU A 374 4.95 -32.41 -17.54
N TYR A 375 3.76 -31.78 -17.57
CA TYR A 375 3.33 -30.93 -16.47
C TYR A 375 2.10 -31.50 -15.74
N THR A 376 2.02 -32.81 -15.60
CA THR A 376 1.00 -33.48 -14.79
C THR A 376 1.66 -34.11 -13.56
N ASP A 377 1.01 -34.01 -12.40
CA ASP A 377 1.50 -34.71 -11.21
C ASP A 377 1.03 -36.17 -11.24
N TRP A 378 1.88 -37.10 -11.66
CA TRP A 378 1.38 -38.45 -11.94
C TRP A 378 1.17 -39.27 -10.67
N THR A 379 1.63 -38.77 -9.53
CA THR A 379 1.15 -39.25 -8.25
C THR A 379 -0.35 -38.99 -8.06
N GLU A 380 -0.86 -37.86 -8.55
CA GLU A 380 -2.26 -37.49 -8.31
C GLU A 380 -2.74 -36.56 -9.42
N PRO A 381 -2.97 -37.11 -10.61
CA PRO A 381 -3.13 -36.26 -11.80
C PRO A 381 -4.23 -35.20 -11.67
N ASP A 382 -5.29 -35.49 -10.95
CA ASP A 382 -6.44 -34.60 -10.91
C ASP A 382 -6.40 -33.68 -9.70
N ASN A 383 -5.38 -33.77 -8.87
CA ASN A 383 -5.29 -32.88 -7.70
C ASN A 383 -5.38 -31.40 -8.11
N PRO A 384 -6.31 -30.63 -7.55
CA PRO A 384 -6.48 -29.24 -8.03
C PRO A 384 -5.39 -28.27 -7.58
N ASN A 385 -4.67 -28.51 -6.49
CA ASN A 385 -3.45 -27.74 -6.28
C ASN A 385 -2.38 -28.09 -7.31
N SER A 386 -2.20 -29.38 -7.62
CA SER A 386 -1.14 -29.77 -8.54
C SER A 386 -1.39 -29.15 -9.88
N ASN A 387 -2.64 -29.14 -10.35
CA ASN A 387 -2.94 -28.57 -11.66
C ASN A 387 -2.79 -27.05 -11.66
N ARG A 388 -2.94 -26.38 -10.50
CA ARG A 388 -2.68 -24.94 -10.46
C ARG A 388 -1.18 -24.66 -10.54
N ASP A 389 -0.41 -25.34 -9.69
CA ASP A 389 1.05 -25.21 -9.71
C ASP A 389 1.62 -25.53 -11.09
N ALA A 390 1.05 -26.51 -11.78
CA ALA A 390 1.57 -26.87 -13.11
C ALA A 390 1.51 -25.69 -14.05
N LEU A 391 0.49 -24.84 -13.90
CA LEU A 391 0.37 -23.68 -14.77
C LEU A 391 1.50 -22.71 -14.49
N ASP A 392 1.83 -22.46 -13.21
CA ASP A 392 2.99 -21.64 -12.92
C ASP A 392 4.26 -22.24 -13.52
N LYS A 393 4.50 -23.54 -13.31
CA LYS A 393 5.76 -24.13 -13.72
C LYS A 393 5.92 -24.13 -15.23
N MET A 394 4.85 -24.34 -16.00
CA MET A 394 5.09 -24.40 -17.44
C MET A 394 5.35 -23.01 -18.00
N VAL A 395 4.68 -21.97 -17.47
CA VAL A 395 4.98 -20.61 -17.89
C VAL A 395 6.34 -20.16 -17.37
N GLY A 396 6.61 -20.39 -16.08
CA GLY A 396 7.90 -20.00 -15.53
C GLY A 396 9.08 -20.73 -16.17
N ASP A 397 8.97 -22.04 -16.40
CA ASP A 397 10.10 -22.75 -17.02
C ASP A 397 10.39 -22.18 -18.40
N TYR A 398 9.35 -22.05 -19.22
CA TYR A 398 9.56 -21.71 -20.61
C TYR A 398 9.99 -20.26 -20.78
N HIS A 399 9.38 -19.35 -20.02
CA HIS A 399 9.69 -17.94 -20.22
C HIS A 399 10.79 -17.43 -19.32
N PHE A 400 11.12 -18.14 -18.24
CA PHE A 400 12.11 -17.59 -17.34
C PHE A 400 13.25 -18.55 -17.00
N THR A 401 12.98 -19.53 -16.12
CA THR A 401 14.01 -20.37 -15.54
C THR A 401 14.89 -21.02 -16.60
N CYS A 402 14.30 -21.54 -17.68
CA CYS A 402 15.15 -22.30 -18.58
C CYS A 402 16.05 -21.42 -19.43
N ASN A 403 15.69 -20.15 -19.56
CA ASN A 403 16.51 -19.23 -20.34
C ASN A 403 17.66 -18.70 -19.51
N VAL A 404 17.43 -18.53 -18.20
CA VAL A 404 18.53 -18.22 -17.29
C VAL A 404 19.54 -19.36 -17.27
N ASN A 405 19.05 -20.60 -17.14
CA ASN A 405 19.95 -21.74 -17.17
C ASN A 405 20.78 -21.74 -18.45
N GLU A 406 20.13 -21.57 -19.60
CA GLU A 406 20.87 -21.64 -20.85
C GLU A 406 21.99 -20.60 -20.88
N PHE A 407 21.71 -19.38 -20.42
CA PHE A 407 22.71 -18.31 -20.47
C PHE A 407 23.86 -18.59 -19.53
N ALA A 408 23.57 -18.98 -18.29
CA ALA A 408 24.61 -19.36 -17.35
C ALA A 408 25.44 -20.55 -17.88
N GLN A 409 24.78 -21.51 -18.54
CA GLN A 409 25.48 -22.64 -19.11
C GLN A 409 26.52 -22.20 -20.13
N ARG A 410 26.12 -21.38 -21.11
N ARG A 410 26.11 -21.39 -21.11
CA ARG A 410 27.05 -20.97 -22.16
CA ARG A 410 27.04 -20.97 -22.16
C ARG A 410 28.19 -20.15 -21.58
C ARG A 410 28.19 -20.15 -21.58
N TYR A 411 27.90 -19.28 -20.61
CA TYR A 411 28.98 -18.50 -19.99
C TYR A 411 29.98 -19.43 -19.29
N ALA A 412 29.49 -20.48 -18.64
CA ALA A 412 30.38 -21.43 -17.97
C ALA A 412 31.20 -22.24 -18.98
N GLU A 413 30.58 -22.70 -20.06
CA GLU A 413 31.31 -23.45 -21.07
C GLU A 413 32.45 -22.65 -21.66
N GLU A 414 32.37 -21.35 -21.66
CA GLU A 414 33.43 -20.55 -22.26
C GLU A 414 34.48 -20.15 -21.23
N GLY A 415 34.49 -20.79 -20.07
CA GLY A 415 35.51 -20.53 -19.08
C GLY A 415 35.24 -19.44 -18.06
N ASN A 416 34.05 -18.83 -18.03
CA ASN A 416 33.82 -17.76 -17.07
C ASN A 416 33.26 -18.27 -15.75
N ASN A 417 33.58 -17.58 -14.67
CA ASN A 417 32.97 -17.90 -13.37
C ASN A 417 31.50 -17.47 -13.31
N VAL A 418 30.62 -18.42 -13.01
CA VAL A 418 29.19 -18.22 -12.94
C VAL A 418 28.70 -18.65 -11.56
N TYR A 419 27.76 -17.88 -10.98
CA TYR A 419 27.11 -18.26 -9.73
C TYR A 419 25.60 -18.21 -9.96
N MET A 420 24.91 -19.30 -9.60
CA MET A 420 23.52 -19.54 -9.93
C MET A 420 22.76 -19.68 -8.62
N TYR A 421 21.63 -18.97 -8.49
CA TYR A 421 20.77 -19.10 -7.32
C TYR A 421 19.36 -19.50 -7.70
N LEU A 422 18.68 -20.12 -6.74
CA LEU A 422 17.24 -20.31 -6.77
C LEU A 422 16.70 -19.63 -5.54
N TYR A 423 15.86 -18.62 -5.75
CA TYR A 423 15.37 -17.82 -4.64
C TYR A 423 14.01 -18.37 -4.21
N THR A 424 13.93 -18.78 -2.95
CA THR A 424 12.77 -19.54 -2.45
C THR A 424 12.09 -18.88 -1.26
N HIS A 425 12.49 -17.68 -0.84
CA HIS A 425 11.90 -17.06 0.34
C HIS A 425 10.61 -16.31 0.03
N ARG A 426 9.52 -16.65 0.72
CA ARG A 426 8.30 -15.84 0.66
C ARG A 426 8.21 -14.96 1.92
N SER A 427 8.10 -13.65 1.72
CA SER A 427 7.98 -12.73 2.85
C SER A 427 6.76 -13.05 3.70
N LYS A 428 6.92 -12.95 5.02
CA LYS A 428 5.76 -13.13 5.89
C LYS A 428 4.67 -12.11 5.56
N GLY A 429 5.06 -10.88 5.22
CA GLY A 429 4.05 -9.91 4.89
C GLY A 429 3.63 -9.81 3.43
N ASN A 430 3.92 -10.82 2.62
CA ASN A 430 3.52 -10.78 1.21
C ASN A 430 2.02 -10.48 1.09
N PRO A 431 1.61 -9.53 0.24
CA PRO A 431 0.18 -9.19 0.14
C PRO A 431 -0.63 -10.01 -0.85
N TRP A 432 0.02 -10.86 -1.64
CA TRP A 432 -0.63 -11.74 -2.61
C TRP A 432 -1.19 -13.00 -1.94
N PRO A 433 -2.14 -13.69 -2.58
CA PRO A 433 -2.63 -14.95 -1.99
C PRO A 433 -1.50 -15.95 -1.70
N ARG A 434 -1.70 -16.74 -0.63
CA ARG A 434 -0.66 -17.68 -0.19
C ARG A 434 -0.23 -18.65 -1.30
N TRP A 435 -1.13 -19.04 -2.19
CA TRP A 435 -0.78 -20.04 -3.20
C TRP A 435 0.18 -19.52 -4.26
N THR A 436 0.41 -18.20 -4.32
CA THR A 436 1.29 -17.63 -5.32
C THR A 436 2.77 -17.91 -5.02
N GLY A 437 3.11 -18.31 -3.80
CA GLY A 437 4.48 -18.72 -3.54
C GLY A 437 5.46 -17.57 -3.57
N VAL A 438 6.61 -17.82 -4.19
CA VAL A 438 7.69 -16.85 -4.33
C VAL A 438 7.65 -16.38 -5.78
N MET A 439 7.04 -15.21 -6.02
CA MET A 439 6.80 -14.81 -7.40
C MET A 439 7.97 -14.00 -8.02
N HIS A 440 7.90 -13.85 -9.33
CA HIS A 440 8.72 -12.93 -10.11
C HIS A 440 8.91 -11.59 -9.41
N GLY A 441 10.15 -11.24 -9.10
CA GLY A 441 10.46 -9.94 -8.52
C GLY A 441 10.56 -9.92 -7.02
N ASP A 442 10.21 -11.02 -6.35
CA ASP A 442 10.16 -11.02 -4.89
C ASP A 442 11.51 -10.73 -4.25
N GLU A 443 12.61 -11.13 -4.92
CA GLU A 443 13.93 -10.96 -4.31
C GLU A 443 14.37 -9.50 -4.30
N ILE A 444 13.71 -8.62 -5.06
CA ILE A 444 14.20 -7.25 -5.19
C ILE A 444 14.19 -6.53 -3.83
N ASN A 445 13.15 -6.75 -3.03
CA ASN A 445 13.10 -6.10 -1.71
C ASN A 445 14.32 -6.47 -0.86
N TYR A 446 14.74 -7.71 -0.95
CA TYR A 446 15.83 -8.15 -0.11
C TYR A 446 17.17 -7.67 -0.67
N VAL A 447 17.30 -7.61 -2.00
CA VAL A 447 18.52 -7.09 -2.62
C VAL A 447 18.71 -5.61 -2.26
N PHE A 448 17.65 -4.82 -2.25
CA PHE A 448 17.83 -3.41 -1.93
C PHE A 448 17.76 -3.11 -0.43
N GLY A 449 17.72 -4.14 0.43
CA GLY A 449 17.74 -3.90 1.86
C GLY A 449 16.47 -3.28 2.47
N GLU A 450 15.33 -3.43 1.81
CA GLU A 450 14.09 -2.91 2.37
C GLU A 450 13.78 -3.45 3.77
N PRO A 451 14.04 -4.71 4.11
CA PRO A 451 13.75 -5.16 5.47
C PRO A 451 14.47 -4.38 6.54
N LEU A 452 15.50 -3.61 6.19
CA LEU A 452 16.20 -2.85 7.22
C LEU A 452 15.47 -1.57 7.59
N ASN A 453 14.35 -1.29 6.94
CA ASN A 453 13.47 -0.18 7.32
C ASN A 453 12.57 -0.67 8.46
N PRO A 454 12.82 -0.31 9.71
CA PRO A 454 12.05 -0.92 10.81
C PRO A 454 10.58 -0.62 10.75
N THR A 455 10.16 0.45 10.06
CA THR A 455 8.75 0.80 9.99
C THR A 455 7.97 -0.10 9.04
N LEU A 456 8.63 -0.93 8.26
CA LEU A 456 7.89 -1.90 7.48
C LEU A 456 7.78 -3.15 8.35
N GLY A 457 7.02 -4.12 7.89
CA GLY A 457 6.80 -5.09 8.97
C GLY A 457 7.76 -6.27 9.11
N TYR A 458 8.99 -6.19 8.60
CA TYR A 458 9.77 -7.41 8.39
C TYR A 458 10.25 -8.03 9.69
N THR A 459 10.28 -9.37 9.73
CA THR A 459 10.77 -10.07 10.92
C THR A 459 12.29 -9.88 11.08
N GLU A 460 12.79 -10.26 12.26
CA GLU A 460 14.23 -10.18 12.48
C GLU A 460 14.99 -11.14 11.58
N ASP A 461 14.47 -12.35 11.37
CA ASP A 461 15.14 -13.30 10.48
C ASP A 461 15.21 -12.76 9.05
N GLU A 462 14.13 -12.13 8.59
CA GLU A 462 14.13 -11.57 7.24
C GLU A 462 15.11 -10.41 7.13
N LYS A 463 15.30 -9.65 8.21
CA LYS A 463 16.34 -8.62 8.19
C LYS A 463 17.73 -9.23 8.01
N ASP A 464 18.01 -10.33 8.73
CA ASP A 464 19.28 -11.03 8.56
C ASP A 464 19.46 -11.55 7.14
N PHE A 465 18.43 -12.19 6.59
CA PHE A 465 18.46 -12.70 5.24
C PHE A 465 18.84 -11.60 4.23
N SER A 466 18.26 -10.41 4.40
CA SER A 466 18.55 -9.30 3.49
C SER A 466 19.99 -8.84 3.63
N ARG A 467 20.52 -8.82 4.86
CA ARG A 467 21.93 -8.51 5.03
C ARG A 467 22.81 -9.51 4.29
N LYS A 468 22.48 -10.81 4.40
CA LYS A 468 23.22 -11.86 3.73
C LYS A 468 23.18 -11.63 2.23
N ILE A 469 22.02 -11.27 1.70
CA ILE A 469 21.89 -11.20 0.25
C ILE A 469 22.60 -9.96 -0.30
N MET A 470 22.47 -8.82 0.36
CA MET A 470 23.23 -7.65 -0.05
C MET A 470 24.74 -7.93 -0.01
N ARG A 471 25.18 -8.73 0.95
CA ARG A 471 26.60 -9.04 1.09
C ARG A 471 27.07 -9.93 -0.05
N TYR A 472 26.31 -10.97 -0.36
CA TYR A 472 26.59 -11.79 -1.54
C TYR A 472 26.66 -10.93 -2.80
N TRP A 473 25.64 -10.10 -3.02
CA TRP A 473 25.59 -9.29 -4.23
C TRP A 473 26.78 -8.34 -4.31
N SER A 474 27.12 -7.71 -3.20
CA SER A 474 28.18 -6.70 -3.25
C SER A 474 29.58 -7.32 -3.18
N ASN A 475 29.75 -8.44 -2.47
CA ASN A 475 30.98 -9.21 -2.64
C ASN A 475 31.20 -9.50 -4.12
N PHE A 476 30.14 -9.93 -4.81
CA PHE A 476 30.27 -10.21 -6.21
C PHE A 476 30.68 -8.96 -6.99
N ALA A 477 30.04 -7.82 -6.73
CA ALA A 477 30.43 -6.63 -7.45
C ALA A 477 31.89 -6.26 -7.17
N LYS A 478 32.33 -6.43 -5.94
CA LYS A 478 33.66 -5.99 -5.56
C LYS A 478 34.77 -6.93 -6.07
N THR A 479 34.52 -8.24 -6.08
CA THR A 479 35.58 -9.24 -6.29
C THR A 479 35.31 -10.27 -7.39
N GLY A 480 34.09 -10.37 -7.92
CA GLY A 480 33.78 -11.43 -8.85
C GLY A 480 33.35 -12.72 -8.22
N ASN A 481 33.29 -12.79 -6.89
CA ASN A 481 32.94 -13.99 -6.14
C ASN A 481 32.02 -13.52 -5.00
N PRO A 482 30.82 -14.10 -4.86
CA PRO A 482 29.92 -13.64 -3.77
C PRO A 482 30.40 -14.04 -2.40
N ASN A 483 31.27 -15.07 -2.31
CA ASN A 483 31.68 -15.62 -1.03
C ASN A 483 32.63 -14.68 -0.29
N PRO A 484 32.55 -14.70 1.05
CA PRO A 484 33.50 -13.95 1.89
C PRO A 484 34.82 -14.70 1.94
N ASN A 485 35.81 -14.10 2.60
CA ASN A 485 37.10 -14.78 2.80
C ASN A 485 37.01 -15.83 3.91
N THR A 486 36.60 -15.41 5.11
CA THR A 486 36.41 -16.31 6.25
C THR A 486 35.02 -16.94 6.16
N ALA A 487 34.95 -18.24 5.83
CA ALA A 487 33.67 -18.92 5.68
C ALA A 487 32.88 -18.95 7.00
N SER A 488 31.63 -18.46 6.95
CA SER A 488 30.80 -18.23 8.13
C SER A 488 29.71 -19.30 8.24
N SER A 489 29.11 -19.37 9.43
CA SER A 489 27.88 -20.16 9.59
C SER A 489 26.68 -19.39 9.07
N GLU A 490 26.74 -18.05 9.16
CA GLU A 490 25.66 -17.22 8.62
C GLU A 490 25.72 -17.12 7.09
N PHE A 491 26.92 -17.20 6.50
CA PHE A 491 27.15 -17.10 5.06
C PHE A 491 27.60 -18.45 4.52
N PRO A 492 26.67 -19.32 4.10
CA PRO A 492 27.10 -20.57 3.45
C PRO A 492 28.02 -20.35 2.26
N GLU A 493 28.63 -21.44 1.82
CA GLU A 493 29.47 -21.48 0.65
C GLU A 493 28.55 -21.45 -0.57
N TRP A 494 28.88 -20.60 -1.54
CA TRP A 494 28.15 -20.57 -2.80
C TRP A 494 29.07 -21.09 -3.89
N PRO A 495 28.94 -22.33 -4.30
CA PRO A 495 29.86 -22.88 -5.29
C PRO A 495 29.60 -22.33 -6.68
N LYS A 496 30.65 -22.30 -7.49
CA LYS A 496 30.56 -21.92 -8.90
C LYS A 496 29.59 -22.84 -9.62
N HIS A 497 28.94 -22.31 -10.67
CA HIS A 497 28.05 -23.03 -11.57
C HIS A 497 28.93 -23.47 -12.74
N THR A 498 29.48 -24.70 -12.68
CA THR A 498 30.38 -25.13 -13.73
C THR A 498 29.57 -25.72 -14.87
N ALA A 499 30.20 -25.79 -16.04
CA ALA A 499 29.51 -26.27 -17.25
C ALA A 499 28.99 -27.69 -17.12
N HIS A 500 29.62 -28.52 -16.29
N HIS A 500 29.69 -28.51 -16.33
CA HIS A 500 29.10 -29.86 -16.16
CA HIS A 500 29.38 -29.92 -16.07
C HIS A 500 28.46 -30.14 -14.80
C HIS A 500 28.51 -30.09 -14.84
N GLY A 501 28.89 -29.44 -13.74
CA GLY A 501 28.23 -29.58 -12.46
C GLY A 501 26.93 -28.80 -12.29
N ARG A 502 26.89 -27.56 -12.79
CA ARG A 502 25.68 -26.72 -12.80
C ARG A 502 25.06 -26.59 -11.42
N HIS A 503 25.91 -26.42 -10.42
CA HIS A 503 25.41 -26.23 -9.07
C HIS A 503 24.75 -24.87 -8.90
N TYR A 504 23.76 -24.83 -8.01
CA TYR A 504 23.17 -23.57 -7.60
C TYR A 504 23.00 -23.56 -6.08
N LEU A 505 22.95 -22.37 -5.54
CA LEU A 505 22.68 -22.20 -4.12
C LEU A 505 21.24 -21.74 -3.96
N GLU A 506 20.51 -22.44 -3.10
CA GLU A 506 19.16 -22.02 -2.76
C GLU A 506 19.23 -20.88 -1.73
N LEU A 507 18.54 -19.77 -2.03
CA LEU A 507 18.54 -18.59 -1.16
C LEU A 507 17.22 -18.57 -0.39
N GLY A 508 17.31 -18.72 0.92
CA GLY A 508 16.12 -18.83 1.76
C GLY A 508 16.52 -18.70 3.21
N LEU A 509 15.51 -18.72 4.08
CA LEU A 509 15.76 -18.41 5.49
C LEU A 509 16.58 -19.51 6.18
N ASN A 510 16.04 -20.72 6.26
CA ASN A 510 16.68 -21.81 7.00
C ASN A 510 17.21 -22.84 5.99
N THR A 511 18.25 -22.45 5.26
CA THR A 511 18.73 -23.35 4.21
C THR A 511 20.10 -22.93 3.73
N SER A 512 20.87 -23.93 3.34
CA SER A 512 22.09 -23.75 2.57
C SER A 512 22.17 -24.83 1.50
N PHE A 513 21.00 -25.33 1.10
CA PHE A 513 20.96 -26.43 0.15
C PHE A 513 21.60 -26.03 -1.19
N VAL A 514 22.48 -26.92 -1.70
CA VAL A 514 23.06 -26.81 -3.03
C VAL A 514 22.47 -27.91 -3.91
N GLY A 515 21.99 -27.54 -5.10
CA GLY A 515 21.41 -28.51 -6.00
C GLY A 515 22.05 -28.38 -7.38
N ARG A 516 21.47 -29.02 -8.38
CA ARG A 516 21.93 -28.92 -9.77
C ARG A 516 20.79 -28.42 -10.64
N GLY A 517 21.12 -27.49 -11.53
CA GLY A 517 20.12 -26.88 -12.37
C GLY A 517 19.95 -25.41 -12.01
N PRO A 518 18.75 -25.01 -11.57
CA PRO A 518 17.59 -25.83 -11.17
C PRO A 518 16.78 -26.38 -12.35
N ARG A 519 16.01 -27.45 -12.12
CA ARG A 519 14.99 -27.94 -13.07
C ARG A 519 15.57 -28.36 -14.42
N LEU A 520 16.67 -29.13 -14.35
CA LEU A 520 17.38 -29.55 -15.57
C LEU A 520 16.49 -30.38 -16.49
N ARG A 521 15.64 -31.24 -15.93
CA ARG A 521 14.80 -32.11 -16.75
C ARG A 521 13.74 -31.30 -17.49
N GLN A 522 13.00 -30.45 -16.77
CA GLN A 522 12.01 -29.62 -17.46
C GLN A 522 12.67 -28.67 -18.47
N CYS A 523 13.83 -28.12 -18.13
CA CYS A 523 14.48 -27.25 -19.10
C CYS A 523 14.89 -28.00 -20.36
N ALA A 524 15.33 -29.28 -20.20
CA ALA A 524 15.63 -30.12 -21.38
C ALA A 524 14.39 -30.38 -22.22
N PHE A 525 13.22 -30.54 -21.59
CA PHE A 525 11.96 -30.69 -22.32
C PHE A 525 11.72 -29.51 -23.28
N TRP A 526 11.87 -28.28 -22.78
CA TRP A 526 11.61 -27.11 -23.63
C TRP A 526 12.74 -26.89 -24.62
N LYS A 527 13.99 -27.10 -24.18
CA LYS A 527 15.12 -26.74 -25.02
C LYS A 527 15.51 -27.82 -26.01
N LYS A 528 15.31 -29.11 -25.69
CA LYS A 528 15.70 -30.20 -26.59
C LYS A 528 14.53 -31.03 -27.10
N TYR A 529 13.66 -31.54 -26.22
CA TYR A 529 12.64 -32.47 -26.70
C TYR A 529 11.58 -31.78 -27.54
N LEU A 530 10.90 -30.77 -26.97
CA LEU A 530 9.76 -30.20 -27.68
C LEU A 530 10.15 -29.64 -29.05
N PRO A 531 11.30 -28.96 -29.22
CA PRO A 531 11.67 -28.51 -30.58
C PRO A 531 11.78 -29.63 -31.59
N GLN A 532 12.33 -30.79 -31.21
CA GLN A 532 12.47 -31.86 -32.19
C GLN A 532 11.14 -32.54 -32.46
N LEU A 533 10.23 -32.56 -31.48
CA LEU A 533 8.88 -33.08 -31.72
C LEU A 533 8.06 -32.14 -32.61
N VAL A 534 8.25 -30.82 -32.48
CA VAL A 534 7.54 -29.92 -33.38
C VAL A 534 8.04 -30.13 -34.80
N ALA A 535 9.36 -30.23 -34.97
CA ALA A 535 9.93 -30.49 -36.30
C ALA A 535 9.34 -31.75 -36.93
N ALA A 536 9.26 -32.83 -36.16
CA ALA A 536 8.81 -34.11 -36.71
C ALA A 536 7.35 -34.06 -37.15
N THR A 537 6.53 -33.20 -36.58
CA THR A 537 5.09 -33.24 -36.76
C THR A 537 4.57 -32.00 -37.48
N SER A 538 5.33 -31.45 -38.43
CA SER A 538 5.03 -30.14 -39.02
C SER A 538 4.79 -30.21 -40.53
N ASN A 539 4.31 -31.36 -41.02
CA ASN A 539 4.09 -31.60 -42.45
C ASN A 539 3.00 -30.70 -43.07
N ASN B 3 24.40 15.80 19.84
CA ASN B 3 23.07 15.44 20.35
C ASN B 3 22.19 14.82 19.25
N ASP B 4 21.52 13.69 19.60
CA ASP B 4 20.73 12.86 18.68
C ASP B 4 19.27 13.30 18.71
N PRO B 5 18.80 14.13 17.77
CA PRO B 5 17.44 14.69 17.89
C PRO B 5 16.34 13.65 17.83
N LEU B 6 16.66 12.40 17.46
CA LEU B 6 15.69 11.32 17.44
C LEU B 6 15.64 10.54 18.74
N VAL B 7 16.53 10.81 19.68
CA VAL B 7 16.46 10.20 21.00
C VAL B 7 15.76 11.19 21.89
N VAL B 8 14.75 10.72 22.61
CA VAL B 8 13.87 11.57 23.41
C VAL B 8 13.76 10.97 24.80
N ASN B 9 13.92 11.81 25.81
CA ASN B 9 13.88 11.33 27.18
C ASN B 9 12.46 11.46 27.70
N THR B 10 11.69 10.37 27.64
CA THR B 10 10.36 10.47 28.19
C THR B 10 10.42 10.26 29.69
N ASP B 11 9.29 10.52 30.33
CA ASP B 11 9.22 10.41 31.78
C ASP B 11 9.40 8.96 32.26
N LYS B 12 9.56 7.97 31.39
CA LYS B 12 9.79 6.60 31.84
C LYS B 12 11.08 6.00 31.29
N GLY B 13 11.81 6.75 30.48
CA GLY B 13 12.98 6.20 29.81
C GLY B 13 13.22 6.92 28.50
N ARG B 14 14.37 6.60 27.91
CA ARG B 14 14.75 7.18 26.65
C ARG B 14 14.24 6.28 25.53
N ILE B 15 13.96 6.89 24.38
CA ILE B 15 13.42 6.20 23.21
C ILE B 15 14.08 6.80 21.98
N ARG B 16 14.22 5.96 20.95
CA ARG B 16 14.83 6.37 19.69
C ARG B 16 13.84 6.19 18.56
N GLY B 17 13.60 7.26 17.81
CA GLY B 17 12.77 7.26 16.63
C GLY B 17 13.57 7.14 15.36
N ILE B 18 12.98 7.61 14.25
CA ILE B 18 13.57 7.40 12.94
C ILE B 18 12.98 8.40 11.95
N THR B 19 13.82 8.88 11.05
CA THR B 19 13.39 9.79 9.99
C THR B 19 12.99 8.97 8.77
N VAL B 20 11.81 9.25 8.22
CA VAL B 20 11.26 8.54 7.08
C VAL B 20 10.58 9.55 6.18
N ASP B 21 10.19 9.11 4.98
CA ASP B 21 9.54 9.97 4.00
C ASP B 21 8.03 9.79 4.04
N ALA B 22 7.30 10.89 3.92
CA ALA B 22 5.90 10.79 3.53
C ALA B 22 5.82 10.37 2.06
N PRO B 23 4.69 9.78 1.63
CA PRO B 23 4.55 9.46 0.21
C PRO B 23 4.82 10.63 -0.74
N SER B 24 4.69 11.84 -0.25
CA SER B 24 4.96 13.02 -1.06
C SER B 24 6.44 13.28 -1.27
N GLY B 25 7.29 12.67 -0.47
CA GLY B 25 8.69 13.01 -0.46
C GLY B 25 9.14 13.85 0.72
N LYS B 26 8.24 14.58 1.39
CA LYS B 26 8.67 15.35 2.56
C LYS B 26 9.00 14.41 3.70
N LYS B 27 9.87 14.87 4.58
CA LYS B 27 10.42 13.99 5.60
C LYS B 27 9.83 14.32 6.96
N VAL B 28 9.65 13.29 7.80
CA VAL B 28 9.10 13.48 9.13
C VAL B 28 9.92 12.63 10.08
N ASP B 29 9.90 13.01 11.37
CA ASP B 29 10.42 12.13 12.40
C ASP B 29 9.26 11.36 13.02
N VAL B 30 9.54 10.12 13.43
CA VAL B 30 8.53 9.12 13.74
C VAL B 30 8.97 8.29 14.94
N TRP B 31 8.06 8.08 15.89
CA TRP B 31 8.29 7.18 17.02
C TRP B 31 7.09 6.24 17.11
N LEU B 32 7.32 4.95 16.81
CA LEU B 32 6.23 3.98 16.71
C LEU B 32 6.26 3.04 17.89
N GLY B 33 5.09 2.69 18.40
CA GLY B 33 5.06 1.71 19.47
C GLY B 33 5.66 2.15 20.80
N ILE B 34 5.45 3.40 21.22
CA ILE B 34 5.83 3.83 22.58
C ILE B 34 4.89 3.23 23.60
N PRO B 35 5.34 2.45 24.59
CA PRO B 35 4.40 1.89 25.57
C PRO B 35 3.93 2.95 26.57
N TYR B 36 2.63 2.89 26.89
CA TYR B 36 2.07 3.81 27.89
C TYR B 36 1.38 3.08 29.02
N ALA B 37 1.33 1.75 29.00
CA ALA B 37 0.73 1.01 30.11
C ALA B 37 1.48 -0.31 30.26
N GLN B 38 1.35 -0.91 31.44
CA GLN B 38 1.67 -2.33 31.56
C GLN B 38 0.81 -3.12 30.59
N PRO B 39 1.36 -4.16 29.96
CA PRO B 39 0.53 -5.07 29.17
C PRO B 39 -0.66 -5.55 29.98
N PRO B 40 -1.90 -5.41 29.45
CA PRO B 40 -3.11 -5.75 30.23
C PRO B 40 -3.42 -7.25 30.17
N VAL B 41 -2.48 -8.07 30.61
CA VAL B 41 -2.51 -9.51 30.41
C VAL B 41 -2.61 -10.24 31.74
N GLY B 42 -3.04 -11.49 31.65
CA GLY B 42 -3.17 -12.35 32.81
C GLY B 42 -4.22 -11.85 33.76
N PRO B 43 -3.82 -11.54 35.01
CA PRO B 43 -4.79 -11.06 35.99
C PRO B 43 -5.33 -9.69 35.68
N LEU B 44 -4.64 -8.94 34.82
CA LEU B 44 -5.00 -7.60 34.45
C LEU B 44 -6.04 -7.51 33.32
N ARG B 45 -6.36 -8.62 32.65
CA ARG B 45 -7.40 -8.58 31.62
C ARG B 45 -8.74 -8.08 32.19
N PHE B 46 -9.44 -7.27 31.38
CA PHE B 46 -10.74 -6.65 31.66
C PHE B 46 -10.59 -5.49 32.62
N ARG B 47 -9.40 -5.28 33.17
CA ARG B 47 -9.24 -4.28 34.20
C ARG B 47 -8.59 -3.02 33.66
N HIS B 48 -8.75 -1.93 34.42
CA HIS B 48 -8.21 -0.67 33.94
C HIS B 48 -6.69 -0.74 33.81
N PRO B 49 -6.11 0.04 32.91
CA PRO B 49 -4.67 -0.04 32.69
C PRO B 49 -3.90 0.43 33.90
N ARG B 50 -2.69 -0.25 34.15
CA ARG B 50 -1.69 0.38 35.01
C ARG B 50 -0.69 1.11 34.12
N PRO B 51 -0.12 2.24 34.57
CA PRO B 51 0.90 2.94 33.77
C PRO B 51 2.15 2.09 33.56
N ALA B 52 2.96 2.51 32.58
CA ALA B 52 4.13 1.72 32.20
C ALA B 52 5.24 1.83 33.25
N GLU B 53 5.92 0.71 33.51
CA GLU B 53 7.11 0.74 34.35
C GLU B 53 8.28 1.42 33.64
N LYS B 54 9.05 2.17 34.43
CA LYS B 54 10.28 2.80 33.97
C LYS B 54 11.23 1.77 33.37
N TRP B 55 12.02 2.17 32.36
CA TRP B 55 13.03 1.30 31.75
C TRP B 55 14.37 2.03 31.64
N THR B 56 15.45 1.25 31.72
CA THR B 56 16.79 1.77 31.49
C THR B 56 17.23 1.59 30.04
N GLY B 57 18.09 2.47 29.60
CA GLY B 57 18.57 2.37 28.25
C GLY B 57 17.75 3.19 27.28
N VAL B 58 17.88 2.82 26.02
CA VAL B 58 17.15 3.46 24.94
C VAL B 58 16.27 2.43 24.26
N LEU B 59 14.96 2.63 24.34
CA LEU B 59 14.00 1.74 23.69
C LEU B 59 13.82 2.19 22.25
N ASN B 60 14.06 1.30 21.31
CA ASN B 60 13.93 1.65 19.90
C ASN B 60 12.44 1.62 19.60
N THR B 61 11.88 2.78 19.28
CA THR B 61 10.44 2.87 19.03
C THR B 61 10.31 3.19 17.55
N THR B 62 10.48 2.16 16.73
CA THR B 62 10.54 2.34 15.30
C THR B 62 9.70 1.33 14.53
N THR B 63 9.01 0.43 15.21
CA THR B 63 8.22 -0.58 14.56
C THR B 63 6.75 -0.37 14.90
N PRO B 64 5.86 -0.34 13.91
CA PRO B 64 4.40 -0.20 14.21
C PRO B 64 3.94 -1.28 15.16
N PRO B 65 3.15 -0.91 16.17
CA PRO B 65 2.87 -1.81 17.30
C PRO B 65 1.82 -2.87 16.98
N ASN B 66 1.76 -3.85 17.87
CA ASN B 66 0.68 -4.85 17.83
C ASN B 66 -0.69 -4.17 17.80
N SER B 67 -1.64 -4.85 17.18
CA SER B 67 -3.05 -4.48 17.19
C SER B 67 -3.72 -5.29 18.28
N CYS B 68 -4.74 -4.69 18.92
CA CYS B 68 -5.42 -5.41 19.97
C CYS B 68 -6.26 -6.52 19.36
N VAL B 69 -6.46 -7.60 20.13
CA VAL B 69 -7.18 -8.76 19.64
C VAL B 69 -8.61 -8.37 19.27
N GLN B 70 -9.07 -8.81 18.10
CA GLN B 70 -10.35 -8.45 17.48
C GLN B 70 -10.58 -9.46 16.36
N ILE B 71 -11.86 -9.66 15.96
CA ILE B 71 -12.18 -10.54 14.83
C ILE B 71 -11.70 -9.91 13.52
N VAL B 72 -11.43 -10.75 12.52
CA VAL B 72 -10.95 -10.33 11.20
C VAL B 72 -12.11 -10.47 10.22
N ASP B 73 -12.28 -9.49 9.34
CA ASP B 73 -13.42 -9.48 8.43
C ASP B 73 -13.04 -10.23 7.15
N THR B 74 -13.67 -11.38 6.94
CA THR B 74 -13.45 -12.18 5.72
C THR B 74 -14.71 -12.31 4.85
N VAL B 75 -15.78 -11.56 5.16
CA VAL B 75 -17.06 -11.69 4.45
C VAL B 75 -16.90 -11.53 2.94
N PHE B 76 -16.05 -10.61 2.50
CA PHE B 76 -15.88 -10.41 1.08
C PHE B 76 -14.49 -10.82 0.59
N GLY B 77 -13.81 -11.75 1.30
CA GLY B 77 -12.52 -12.22 0.77
C GLY B 77 -11.50 -11.11 0.71
N ASP B 78 -10.78 -11.00 -0.40
CA ASP B 78 -9.75 -9.95 -0.47
C ASP B 78 -10.28 -8.66 -1.05
N PHE B 79 -11.55 -8.36 -0.85
CA PHE B 79 -12.11 -7.12 -1.34
C PHE B 79 -11.42 -5.92 -0.68
N PRO B 80 -10.73 -5.06 -1.45
CA PRO B 80 -9.99 -3.95 -0.83
C PRO B 80 -10.85 -3.01 0.00
N GLY B 81 -12.14 -2.85 -0.32
CA GLY B 81 -13.00 -2.01 0.49
C GLY B 81 -13.18 -2.53 1.91
N ALA B 82 -13.03 -3.84 2.13
CA ALA B 82 -13.11 -4.41 3.47
C ALA B 82 -11.75 -4.64 4.13
N THR B 83 -10.72 -5.08 3.37
CA THR B 83 -9.42 -5.41 3.95
C THR B 83 -8.70 -4.17 4.49
N MET B 84 -9.01 -2.99 3.95
CA MET B 84 -8.39 -1.76 4.47
C MET B 84 -8.71 -1.50 5.94
N TRP B 85 -9.75 -2.15 6.49
CA TRP B 85 -10.14 -1.98 7.88
C TRP B 85 -9.69 -3.15 8.75
N ASN B 86 -9.07 -4.16 8.18
CA ASN B 86 -8.58 -5.28 8.95
C ASN B 86 -7.21 -4.96 9.56
N PRO B 87 -6.88 -5.56 10.71
CA PRO B 87 -5.57 -5.32 11.33
C PRO B 87 -4.41 -5.66 10.39
N ASN B 88 -3.44 -4.74 10.31
CA ASN B 88 -2.26 -4.91 9.45
C ASN B 88 -0.96 -5.12 10.24
N THR B 89 -1.04 -5.54 11.50
CA THR B 89 0.09 -5.84 12.37
C THR B 89 -0.35 -6.95 13.31
N PRO B 90 0.57 -7.65 13.96
CA PRO B 90 0.17 -8.86 14.69
C PRO B 90 -0.83 -8.56 15.81
N LEU B 91 -1.77 -9.48 15.98
CA LEU B 91 -2.75 -9.36 17.03
C LEU B 91 -2.17 -9.83 18.35
N SER B 92 -2.36 -9.05 19.40
CA SER B 92 -1.85 -9.41 20.71
C SER B 92 -2.61 -8.64 21.79
N GLU B 93 -2.75 -9.24 22.98
CA GLU B 93 -3.22 -8.44 24.11
C GLU B 93 -2.17 -7.44 24.56
N ASP B 94 -0.92 -7.64 24.19
CA ASP B 94 0.12 -6.66 24.49
C ASP B 94 0.03 -5.60 23.41
N CYS B 95 -0.91 -4.68 23.58
CA CYS B 95 -1.20 -3.72 22.51
C CYS B 95 -1.25 -2.27 22.94
N LEU B 96 -0.91 -1.92 24.19
CA LEU B 96 -1.15 -0.54 24.65
C LEU B 96 0.04 0.35 24.30
N TYR B 97 0.00 0.94 23.10
CA TYR B 97 1.11 1.73 22.58
C TYR B 97 0.56 2.98 21.95
N ILE B 98 1.42 4.00 21.85
CA ILE B 98 1.17 5.30 21.22
C ILE B 98 2.18 5.50 20.09
N ASN B 99 1.78 6.28 19.09
CA ASN B 99 2.63 6.68 17.99
C ASN B 99 2.72 8.20 17.89
N VAL B 100 3.93 8.74 17.71
CA VAL B 100 4.09 10.18 17.51
C VAL B 100 4.78 10.41 16.17
N VAL B 101 4.26 11.37 15.40
CA VAL B 101 4.83 11.73 14.11
C VAL B 101 4.97 13.25 14.09
N ALA B 102 6.24 13.74 13.96
CA ALA B 102 6.51 15.17 14.01
C ALA B 102 7.02 15.69 12.67
N PRO B 103 6.69 16.93 12.32
CA PRO B 103 7.21 17.52 11.08
C PRO B 103 8.70 17.79 11.18
N ARG B 104 9.28 18.11 10.02
CA ARG B 104 10.68 18.51 9.90
C ARG B 104 10.74 19.83 9.15
N PRO B 105 11.42 20.84 9.69
CA PRO B 105 12.16 20.81 10.96
C PRO B 105 11.27 20.76 12.18
N ARG B 106 11.82 20.27 13.29
CA ARG B 106 11.00 20.00 14.45
C ARG B 106 10.43 21.29 15.02
N PRO B 107 9.13 21.35 15.29
CA PRO B 107 8.56 22.54 15.94
C PRO B 107 8.93 22.57 17.41
N LYS B 108 8.57 23.69 18.03
CA LYS B 108 8.74 23.93 19.46
C LYS B 108 7.42 23.78 20.23
N ASN B 109 6.34 24.45 19.75
CA ASN B 109 5.02 24.41 20.37
C ASN B 109 3.98 24.33 19.25
N ALA B 110 3.97 23.21 18.55
CA ALA B 110 3.01 22.99 17.48
C ALA B 110 1.71 22.48 18.06
N ALA B 111 0.62 22.69 17.30
CA ALA B 111 -0.62 22.02 17.64
C ALA B 111 -0.46 20.50 17.47
N VAL B 112 -1.25 19.74 18.24
CA VAL B 112 -1.16 18.29 18.32
C VAL B 112 -2.53 17.71 17.96
N MET B 113 -2.58 16.92 16.89
CA MET B 113 -3.79 16.23 16.49
C MET B 113 -3.71 14.77 16.92
N LEU B 114 -4.61 14.36 17.79
CA LEU B 114 -4.57 13.03 18.39
C LEU B 114 -5.73 12.22 17.83
N TRP B 115 -5.42 11.17 17.06
CA TRP B 115 -6.39 10.33 16.40
C TRP B 115 -6.85 9.18 17.29
N ILE B 116 -8.16 8.97 17.38
CA ILE B 116 -8.72 7.83 18.07
C ILE B 116 -9.51 7.02 17.04
N PHE B 117 -9.05 5.81 16.72
CA PHE B 117 -9.67 5.07 15.63
C PHE B 117 -11.06 4.57 16.01
N GLY B 118 -11.89 4.38 14.98
CA GLY B 118 -13.20 3.77 15.13
C GLY B 118 -13.20 2.32 14.70
N GLY B 119 -14.40 1.73 14.66
CA GLY B 119 -14.55 0.28 14.50
C GLY B 119 -15.64 -0.38 15.34
N SER B 120 -16.63 0.46 15.71
CA SER B 120 -17.83 0.04 16.43
C SER B 120 -17.49 -0.61 17.76
N PHE B 121 -16.38 -0.21 18.35
CA PHE B 121 -15.86 -0.65 19.64
C PHE B 121 -15.47 -2.13 19.68
N TYR B 122 -15.51 -2.87 18.55
CA TYR B 122 -15.03 -4.27 18.53
C TYR B 122 -13.85 -4.50 17.60
N SER B 123 -13.40 -3.49 16.88
CA SER B 123 -12.42 -3.62 15.82
C SER B 123 -11.63 -2.30 15.73
N GLY B 124 -10.49 -2.36 15.06
CA GLY B 124 -9.75 -1.14 14.76
C GLY B 124 -8.33 -1.16 15.29
N THR B 125 -7.47 -0.29 14.76
CA THR B 125 -6.09 -0.20 15.21
C THR B 125 -5.51 1.07 14.63
N ALA B 126 -4.59 1.69 15.39
CA ALA B 126 -3.99 2.92 14.92
C ALA B 126 -3.05 2.69 13.75
N THR B 127 -2.67 1.44 13.47
CA THR B 127 -1.60 1.18 12.50
C THR B 127 -2.09 1.09 11.04
N LEU B 128 -3.38 1.24 10.78
CA LEU B 128 -3.91 1.11 9.42
C LEU B 128 -3.28 2.08 8.44
N ASP B 129 -3.00 1.58 7.23
CA ASP B 129 -2.40 2.43 6.20
C ASP B 129 -3.24 3.65 5.87
N VAL B 130 -4.57 3.54 5.99
CA VAL B 130 -5.43 4.67 5.64
C VAL B 130 -5.25 5.82 6.63
N TYR B 131 -4.81 5.52 7.86
CA TYR B 131 -4.54 6.52 8.88
C TYR B 131 -3.11 7.02 8.84
N ASP B 132 -2.40 6.84 7.75
CA ASP B 132 -0.99 7.16 7.84
C ASP B 132 -0.81 8.64 8.07
N HIS B 133 0.00 8.94 9.09
CA HIS B 133 0.20 10.21 9.75
C HIS B 133 1.16 11.13 9.01
N ARG B 134 1.93 10.63 8.03
CA ARG B 134 3.07 11.39 7.52
C ARG B 134 2.60 12.54 6.64
N ALA B 135 1.58 12.27 5.84
CA ALA B 135 1.06 13.32 4.99
C ALA B 135 0.50 14.46 5.83
N LEU B 136 -0.31 14.13 6.85
CA LEU B 136 -0.99 15.19 7.60
C LEU B 136 0.02 16.05 8.34
N ALA B 137 0.94 15.41 9.05
CA ALA B 137 1.96 16.14 9.80
C ALA B 137 2.79 17.04 8.88
N SER B 138 3.23 16.49 7.75
CA SER B 138 4.18 17.20 6.91
C SER B 138 3.50 18.28 6.07
N GLU B 139 2.23 18.08 5.70
CA GLU B 139 1.54 19.10 4.92
C GLU B 139 0.99 20.23 5.77
N GLU B 140 0.67 19.97 7.06
CA GLU B 140 -0.03 20.95 7.87
C GLU B 140 0.77 21.46 9.04
N ASN B 141 1.95 20.90 9.28
CA ASN B 141 2.83 21.35 10.36
C ASN B 141 2.18 21.16 11.73
N VAL B 142 1.71 19.94 11.98
CA VAL B 142 1.17 19.56 13.28
C VAL B 142 1.85 18.27 13.70
N ILE B 143 1.90 18.05 15.01
CA ILE B 143 2.26 16.77 15.56
C ILE B 143 1.03 15.86 15.45
N VAL B 144 1.18 14.68 14.85
CA VAL B 144 0.07 13.74 14.76
C VAL B 144 0.35 12.59 15.71
N VAL B 145 -0.57 12.33 16.63
CA VAL B 145 -0.42 11.26 17.62
C VAL B 145 -1.56 10.28 17.41
N SER B 146 -1.30 8.99 17.62
CA SER B 146 -2.36 7.99 17.58
C SER B 146 -2.08 7.00 18.69
N LEU B 147 -3.14 6.28 19.11
CA LEU B 147 -3.03 5.40 20.26
C LEU B 147 -3.80 4.12 20.00
N GLN B 148 -3.34 3.03 20.62
CA GLN B 148 -4.14 1.83 20.69
C GLN B 148 -4.97 1.86 21.98
N TYR B 149 -6.12 1.17 21.94
CA TYR B 149 -6.91 1.00 23.13
C TYR B 149 -7.62 -0.33 22.96
N ARG B 150 -7.94 -1.00 24.06
CA ARG B 150 -8.56 -2.33 23.93
C ARG B 150 -9.98 -2.22 23.40
N VAL B 151 -10.36 -3.19 22.56
CA VAL B 151 -11.68 -3.21 21.94
C VAL B 151 -12.38 -4.50 22.31
N ALA B 152 -13.66 -4.58 21.91
CA ALA B 152 -14.51 -5.75 22.10
C ALA B 152 -14.64 -6.11 23.59
N SER B 153 -14.93 -7.37 23.90
CA SER B 153 -15.09 -7.72 25.31
C SER B 153 -13.79 -7.49 26.09
N LEU B 154 -12.62 -7.61 25.46
CA LEU B 154 -11.40 -7.31 26.21
C LEU B 154 -11.36 -5.84 26.63
N GLY B 155 -12.05 -4.96 25.93
CA GLY B 155 -12.01 -3.55 26.27
C GLY B 155 -13.19 -3.09 27.08
N PHE B 156 -14.30 -3.85 27.05
CA PHE B 156 -15.56 -3.30 27.53
C PHE B 156 -16.43 -4.30 28.28
N LEU B 157 -15.90 -5.44 28.67
CA LEU B 157 -16.65 -6.35 29.52
C LEU B 157 -17.05 -5.63 30.80
N PHE B 158 -18.32 -5.78 31.18
CA PHE B 158 -18.83 -5.18 32.41
C PHE B 158 -19.68 -6.19 33.16
N LEU B 159 -19.36 -6.40 34.45
CA LEU B 159 -20.20 -7.22 35.32
C LEU B 159 -20.62 -6.46 36.57
N GLY B 160 -20.24 -5.19 36.71
CA GLY B 160 -20.50 -4.46 37.93
C GLY B 160 -19.72 -4.93 39.13
N THR B 161 -18.57 -5.58 38.94
CA THR B 161 -17.66 -5.98 39.99
C THR B 161 -16.31 -5.33 39.75
N PRO B 162 -15.47 -5.23 40.77
CA PRO B 162 -14.16 -4.58 40.56
C PRO B 162 -13.28 -5.26 39.52
N GLU B 163 -13.38 -6.58 39.32
CA GLU B 163 -12.54 -7.23 38.32
C GLU B 163 -13.16 -7.23 36.94
N ALA B 164 -14.35 -6.65 36.79
CA ALA B 164 -14.92 -6.40 35.47
C ALA B 164 -15.71 -5.10 35.53
N PRO B 165 -15.02 -3.97 35.72
CA PRO B 165 -15.71 -2.70 36.02
C PRO B 165 -16.21 -1.95 34.80
N GLY B 166 -15.86 -2.39 33.60
CA GLY B 166 -16.29 -1.73 32.37
C GLY B 166 -15.37 -0.62 31.95
N ASN B 167 -15.51 -0.22 30.68
CA ASN B 167 -14.85 0.96 30.13
C ASN B 167 -13.32 0.88 30.15
N ALA B 168 -12.74 -0.32 30.25
CA ALA B 168 -11.28 -0.47 30.23
C ALA B 168 -10.68 0.24 29.02
N GLY B 169 -11.27 0.03 27.84
CA GLY B 169 -10.78 0.69 26.65
C GLY B 169 -10.78 2.21 26.75
N LEU B 170 -11.76 2.79 27.50
CA LEU B 170 -11.83 4.24 27.69
C LEU B 170 -10.79 4.71 28.69
N PHE B 171 -10.63 3.96 29.78
CA PHE B 171 -9.49 4.25 30.65
C PHE B 171 -8.15 4.10 29.91
N ASP B 172 -8.03 3.17 28.96
CA ASP B 172 -6.82 3.15 28.12
C ASP B 172 -6.62 4.49 27.43
N GLN B 173 -7.65 4.97 26.75
CA GLN B 173 -7.53 6.26 26.05
C GLN B 173 -7.17 7.38 27.02
N ASN B 174 -7.80 7.40 28.19
CA ASN B 174 -7.51 8.44 29.16
C ASN B 174 -6.04 8.40 29.56
N LEU B 175 -5.53 7.21 29.91
CA LEU B 175 -4.10 7.05 30.24
C LEU B 175 -3.20 7.59 29.12
N ALA B 176 -3.52 7.25 27.87
CA ALA B 176 -2.74 7.77 26.75
C ALA B 176 -2.81 9.29 26.67
N LEU B 177 -4.00 9.87 26.92
CA LEU B 177 -4.09 11.33 26.96
C LEU B 177 -3.14 11.89 28.01
N ARG B 178 -3.06 11.26 29.18
N ARG B 178 -3.11 11.28 29.19
CA ARG B 178 -2.15 11.73 30.21
CA ARG B 178 -2.15 11.66 30.22
C ARG B 178 -0.69 11.58 29.77
C ARG B 178 -0.72 11.62 29.68
N TRP B 179 -0.35 10.50 29.06
CA TRP B 179 1.01 10.36 28.54
C TRP B 179 1.35 11.53 27.63
N VAL B 180 0.40 11.91 26.76
CA VAL B 180 0.62 13.01 25.82
C VAL B 180 0.83 14.33 26.54
N ARG B 181 0.06 14.60 27.59
CA ARG B 181 0.25 15.88 28.23
C ARG B 181 1.56 15.88 29.01
N ASP B 182 1.96 14.73 29.56
CA ASP B 182 3.24 14.65 30.27
C ASP B 182 4.46 14.71 29.36
N ASN B 183 4.33 14.37 28.07
CA ASN B 183 5.51 14.13 27.24
C ASN B 183 5.56 14.85 25.89
N ILE B 184 4.45 15.34 25.35
CA ILE B 184 4.45 15.71 23.94
C ILE B 184 5.31 16.94 23.68
N HIS B 185 5.67 17.69 24.71
CA HIS B 185 6.49 18.88 24.46
C HIS B 185 7.91 18.50 24.06
N ARG B 186 8.37 17.34 24.51
CA ARG B 186 9.66 16.76 24.11
C ARG B 186 9.70 16.40 22.64
N PHE B 187 8.55 16.36 21.96
CA PHE B 187 8.52 16.06 20.55
C PHE B 187 8.19 17.30 19.73
N GLY B 188 8.06 18.45 20.37
CA GLY B 188 7.78 19.68 19.67
C GLY B 188 6.33 20.09 19.66
N GLY B 189 5.50 19.50 20.50
CA GLY B 189 4.09 19.84 20.56
C GLY B 189 3.77 20.67 21.80
N ASP B 190 2.77 21.54 21.67
CA ASP B 190 2.26 22.28 22.82
C ASP B 190 1.21 21.44 23.53
N PRO B 191 1.43 20.98 24.78
CA PRO B 191 0.43 20.11 25.43
C PRO B 191 -0.88 20.85 25.75
N SER B 192 -0.91 22.17 25.66
N SER B 192 -0.91 22.17 25.66
CA SER B 192 -2.14 22.92 25.83
CA SER B 192 -2.15 22.90 25.82
C SER B 192 -2.89 23.07 24.50
C SER B 192 -2.85 23.13 24.49
N ARG B 193 -2.40 22.46 23.43
CA ARG B 193 -3.00 22.55 22.09
C ARG B 193 -3.27 21.17 21.47
N VAL B 194 -3.81 20.26 22.27
CA VAL B 194 -4.20 18.92 21.82
C VAL B 194 -5.65 18.95 21.33
N THR B 195 -5.84 18.65 20.04
CA THR B 195 -7.16 18.40 19.45
C THR B 195 -7.36 16.89 19.30
N LEU B 196 -8.39 16.36 19.95
CA LEU B 196 -8.80 14.98 19.69
C LEU B 196 -9.58 14.92 18.38
N PHE B 197 -9.30 13.92 17.54
CA PHE B 197 -10.20 13.68 16.43
C PHE B 197 -10.35 12.19 16.22
N GLY B 198 -11.51 11.80 15.75
CA GLY B 198 -11.83 10.40 15.60
C GLY B 198 -13.08 10.27 14.76
N GLU B 199 -13.32 9.06 14.31
CA GLU B 199 -14.43 8.82 13.40
C GLU B 199 -15.19 7.62 13.95
N SER B 200 -16.52 7.69 13.88
CA SER B 200 -17.45 6.63 14.30
C SER B 200 -17.28 6.33 15.78
N ALA B 201 -16.90 5.10 16.17
CA ALA B 201 -16.71 4.82 17.59
C ALA B 201 -15.53 5.64 18.17
N GLY B 202 -14.56 6.02 17.33
CA GLY B 202 -13.56 6.98 17.75
C GLY B 202 -14.15 8.34 18.03
N ALA B 203 -15.11 8.77 17.18
CA ALA B 203 -15.82 10.02 17.48
C ALA B 203 -16.64 9.88 18.77
N VAL B 204 -17.36 8.76 18.96
CA VAL B 204 -18.06 8.59 20.24
C VAL B 204 -17.07 8.74 21.40
N SER B 205 -15.92 8.07 21.27
CA SER B 205 -14.87 8.16 22.28
C SER B 205 -14.47 9.62 22.53
N VAL B 206 -14.18 10.36 21.47
CA VAL B 206 -13.84 11.77 21.64
C VAL B 206 -14.94 12.49 22.41
N SER B 207 -16.22 12.27 22.03
CA SER B 207 -17.30 12.96 22.71
C SER B 207 -17.35 12.60 24.18
N LEU B 208 -16.97 11.35 24.55
CA LEU B 208 -17.00 10.95 25.95
C LEU B 208 -15.88 11.61 26.74
N HIS B 209 -14.75 11.92 26.10
CA HIS B 209 -13.75 12.73 26.76
C HIS B 209 -14.23 14.17 26.94
N LEU B 210 -15.20 14.61 26.14
CA LEU B 210 -15.78 15.92 26.39
C LEU B 210 -16.69 15.90 27.59
N LEU B 211 -17.09 14.72 28.06
CA LEU B 211 -17.95 14.63 29.22
C LEU B 211 -17.17 14.28 30.48
N SER B 212 -16.30 13.26 30.43
CA SER B 212 -15.70 12.72 31.65
C SER B 212 -14.98 13.78 32.45
N ALA B 213 -15.19 13.75 33.78
CA ALA B 213 -14.35 14.60 34.61
C ALA B 213 -12.87 14.18 34.57
N LEU B 214 -12.57 12.90 34.25
CA LEU B 214 -11.17 12.45 34.23
C LEU B 214 -10.41 12.96 33.03
N SER B 215 -11.08 13.31 31.93
CA SER B 215 -10.40 13.77 30.71
C SER B 215 -10.49 15.27 30.50
N ARG B 216 -11.26 15.96 31.33
CA ARG B 216 -11.66 17.34 31.08
C ARG B 216 -10.46 18.26 30.82
N ASP B 217 -9.37 18.09 31.57
CA ASP B 217 -8.23 18.99 31.40
C ASP B 217 -7.13 18.42 30.54
N LEU B 218 -7.38 17.32 29.81
CA LEU B 218 -6.32 16.64 29.07
C LEU B 218 -6.23 17.04 27.60
N PHE B 219 -7.08 17.96 27.11
CA PHE B 219 -7.00 18.36 25.70
C PHE B 219 -7.71 19.70 25.54
N GLN B 220 -7.58 20.28 24.35
CA GLN B 220 -8.12 21.61 24.11
C GLN B 220 -9.44 21.57 23.34
N ARG B 221 -9.52 20.86 22.20
CA ARG B 221 -10.76 20.87 21.41
C ARG B 221 -10.93 19.54 20.69
N ALA B 222 -12.00 19.44 19.91
CA ALA B 222 -12.42 18.12 19.40
C ALA B 222 -13.03 18.22 18.01
N ILE B 223 -12.74 17.19 17.21
CA ILE B 223 -13.32 16.94 15.88
C ILE B 223 -14.04 15.59 15.95
N LEU B 224 -15.29 15.54 15.53
CA LEU B 224 -16.06 14.31 15.67
C LEU B 224 -16.65 13.95 14.33
N GLN B 225 -16.05 12.98 13.64
CA GLN B 225 -16.48 12.58 12.31
C GLN B 225 -17.47 11.43 12.42
N SER B 226 -18.76 11.69 12.09
CA SER B 226 -19.83 10.69 12.02
C SER B 226 -19.97 9.88 13.31
N GLY B 227 -20.04 10.58 14.43
CA GLY B 227 -20.32 9.83 15.64
C GLY B 227 -20.68 10.78 16.76
N SER B 228 -21.54 10.33 17.67
CA SER B 228 -22.03 11.16 18.75
C SER B 228 -22.45 10.26 19.90
N PRO B 229 -22.36 10.72 21.14
CA PRO B 229 -22.67 9.86 22.30
C PRO B 229 -24.15 9.65 22.56
N THR B 230 -25.05 10.26 21.80
CA THR B 230 -26.46 9.96 21.93
C THR B 230 -26.91 8.89 20.92
N ALA B 231 -26.01 8.44 20.07
CA ALA B 231 -26.30 7.35 19.16
C ALA B 231 -26.78 6.15 19.97
N PRO B 232 -27.82 5.44 19.52
CA PRO B 232 -28.36 4.35 20.35
C PRO B 232 -27.40 3.17 20.51
N TRP B 233 -26.44 3.00 19.61
CA TRP B 233 -25.43 1.95 19.73
C TRP B 233 -24.25 2.35 20.61
N ALA B 234 -24.18 3.61 21.06
CA ALA B 234 -22.97 4.16 21.66
C ALA B 234 -22.71 3.66 23.09
N LEU B 235 -23.76 3.34 23.85
CA LEU B 235 -23.68 2.87 25.23
C LEU B 235 -24.72 1.77 25.41
N VAL B 236 -24.54 0.98 26.46
CA VAL B 236 -25.47 -0.07 26.82
C VAL B 236 -25.75 0.11 28.31
N SER B 237 -26.92 -0.30 28.76
CA SER B 237 -27.20 -0.17 30.20
C SER B 237 -26.36 -1.16 31.00
N ARG B 238 -26.17 -0.84 32.28
CA ARG B 238 -25.36 -1.71 33.13
C ARG B 238 -25.99 -3.11 33.24
N GLU B 239 -27.32 -3.15 33.33
CA GLU B 239 -28.02 -4.42 33.48
C GLU B 239 -27.88 -5.27 32.23
N GLU B 240 -27.98 -4.64 31.05
CA GLU B 240 -27.87 -5.41 29.81
C GLU B 240 -26.41 -5.80 29.54
N ALA B 241 -25.46 -4.93 29.87
CA ALA B 241 -24.06 -5.32 29.75
C ALA B 241 -23.79 -6.55 30.60
N THR B 242 -24.30 -6.57 31.84
CA THR B 242 -24.04 -7.72 32.71
C THR B 242 -24.56 -8.99 32.06
N LEU B 243 -25.78 -8.93 31.49
CA LEU B 243 -26.33 -10.11 30.83
C LEU B 243 -25.43 -10.52 29.67
N ARG B 244 -24.99 -9.56 28.85
CA ARG B 244 -24.18 -9.90 27.69
C ARG B 244 -22.87 -10.56 28.11
N ALA B 245 -22.26 -10.07 29.18
CA ALA B 245 -21.04 -10.71 29.66
C ALA B 245 -21.32 -12.14 30.09
N LEU B 246 -22.37 -12.35 30.88
CA LEU B 246 -22.74 -13.70 31.30
C LEU B 246 -23.06 -14.61 30.10
N ARG B 247 -23.73 -14.09 29.06
CA ARG B 247 -23.94 -14.87 27.85
C ARG B 247 -22.62 -15.25 27.20
N LEU B 248 -21.66 -14.33 27.17
CA LEU B 248 -20.35 -14.66 26.62
C LEU B 248 -19.69 -15.77 27.43
N ALA B 249 -19.81 -15.74 28.77
CA ALA B 249 -19.19 -16.76 29.59
C ALA B 249 -19.79 -18.14 29.28
N GLU B 250 -21.12 -18.21 29.20
CA GLU B 250 -21.79 -19.44 28.78
C GLU B 250 -21.26 -19.92 27.43
N ALA B 251 -21.22 -19.00 26.46
CA ALA B 251 -20.88 -19.38 25.10
C ALA B 251 -19.48 -20.00 24.98
N VAL B 252 -18.58 -19.69 25.91
CA VAL B 252 -17.23 -20.24 25.85
C VAL B 252 -17.03 -21.32 26.92
N GLY B 253 -18.10 -21.75 27.58
CA GLY B 253 -17.99 -22.83 28.54
C GLY B 253 -17.65 -22.42 29.96
N CYS B 254 -17.88 -21.17 30.32
CA CYS B 254 -17.55 -20.70 31.65
C CYS B 254 -18.75 -20.70 32.55
N PRO B 255 -18.55 -20.72 33.86
CA PRO B 255 -19.68 -20.49 34.78
C PRO B 255 -20.28 -19.12 34.51
N HIS B 256 -21.59 -19.00 34.75
CA HIS B 256 -22.29 -17.79 34.34
C HIS B 256 -23.47 -17.53 35.26
N GLU B 257 -23.28 -17.73 36.55
CA GLU B 257 -24.36 -17.56 37.51
C GLU B 257 -24.35 -16.15 38.06
N PRO B 258 -25.46 -15.38 37.93
CA PRO B 258 -25.48 -13.98 38.37
C PRO B 258 -25.04 -13.78 39.83
N SER B 259 -25.13 -14.83 40.64
CA SER B 259 -24.81 -14.75 42.06
C SER B 259 -23.34 -14.97 42.36
N LYS B 260 -22.62 -15.69 41.51
CA LYS B 260 -21.19 -15.98 41.71
C LYS B 260 -20.39 -15.42 40.53
N LEU B 261 -20.30 -14.08 40.49
CA LEU B 261 -19.62 -13.42 39.38
C LEU B 261 -18.12 -13.65 39.40
N SER B 262 -17.54 -13.90 40.59
CA SER B 262 -16.12 -14.18 40.66
C SER B 262 -15.75 -15.39 39.83
N ASP B 263 -16.56 -16.45 39.88
CA ASP B 263 -16.23 -17.65 39.11
C ASP B 263 -16.19 -17.34 37.61
N ALA B 264 -17.13 -16.51 37.15
CA ALA B 264 -17.28 -16.19 35.72
C ALA B 264 -16.12 -15.36 35.20
N VAL B 265 -15.71 -14.34 35.96
CA VAL B 265 -14.57 -13.52 35.55
C VAL B 265 -13.30 -14.38 35.50
N GLU B 266 -13.09 -15.20 36.53
CA GLU B 266 -11.85 -15.95 36.61
C GLU B 266 -11.72 -16.94 35.48
N CYS B 267 -12.81 -17.62 35.13
CA CYS B 267 -12.76 -18.47 33.95
C CYS B 267 -12.50 -17.65 32.69
N LEU B 268 -13.18 -16.51 32.54
CA LEU B 268 -12.97 -15.69 31.35
C LEU B 268 -11.51 -15.26 31.21
N ARG B 269 -10.83 -15.03 32.34
CA ARG B 269 -9.44 -14.62 32.31
C ARG B 269 -8.52 -15.73 31.85
N GLY B 270 -8.98 -16.99 31.92
CA GLY B 270 -8.20 -18.10 31.46
C GLY B 270 -8.41 -18.48 30.03
N LYS B 271 -9.44 -17.94 29.37
CA LYS B 271 -9.72 -18.28 27.98
C LYS B 271 -8.75 -17.60 27.02
N ASP B 272 -8.57 -18.23 25.85
CA ASP B 272 -7.78 -17.65 24.78
C ASP B 272 -8.46 -16.36 24.32
N PRO B 273 -7.71 -15.29 24.04
CA PRO B 273 -8.38 -14.03 23.71
C PRO B 273 -9.14 -14.11 22.39
N HIS B 274 -8.61 -14.83 21.40
CA HIS B 274 -9.34 -14.95 20.13
C HIS B 274 -10.64 -15.72 20.32
N VAL B 275 -10.65 -16.71 21.21
CA VAL B 275 -11.90 -17.41 21.49
C VAL B 275 -12.96 -16.43 21.99
N LEU B 276 -12.56 -15.47 22.83
CA LEU B 276 -13.52 -14.53 23.40
C LEU B 276 -14.13 -13.64 22.32
N VAL B 277 -13.30 -12.91 21.57
CA VAL B 277 -13.85 -11.96 20.62
C VAL B 277 -14.61 -12.65 19.51
N ASN B 278 -14.30 -13.93 19.22
CA ASN B 278 -15.01 -14.64 18.16
C ASN B 278 -16.34 -15.25 18.63
N ASN B 279 -16.73 -15.11 19.90
CA ASN B 279 -18.00 -15.64 20.39
C ASN B 279 -18.91 -14.56 20.96
N GLU B 280 -18.76 -13.30 20.56
CA GLU B 280 -19.51 -12.22 21.19
C GLU B 280 -20.86 -11.97 20.53
N TRP B 281 -21.05 -12.48 19.32
CA TRP B 281 -22.05 -11.98 18.39
C TRP B 281 -23.30 -12.85 18.47
N GLY B 282 -24.18 -12.51 19.41
CA GLY B 282 -25.46 -13.16 19.57
C GLY B 282 -26.51 -12.73 18.56
N THR B 283 -27.75 -12.65 19.04
CA THR B 283 -28.83 -12.12 18.23
C THR B 283 -28.90 -10.64 18.54
N LEU B 284 -28.43 -9.82 17.62
CA LEU B 284 -28.45 -8.37 17.74
C LEU B 284 -28.95 -7.77 16.45
N GLY B 285 -29.63 -6.63 16.57
CA GLY B 285 -30.07 -5.90 15.40
C GLY B 285 -28.94 -5.16 14.72
N ILE B 286 -29.29 -4.45 13.65
CA ILE B 286 -28.30 -3.67 12.92
C ILE B 286 -27.81 -2.55 13.84
N CYS B 287 -26.53 -2.20 13.70
CA CYS B 287 -25.89 -1.16 14.50
C CYS B 287 -26.10 -1.39 16.00
N GLU B 288 -26.05 -2.63 16.43
CA GLU B 288 -26.00 -3.00 17.84
C GLU B 288 -24.76 -3.87 18.03
N PHE B 289 -23.83 -3.40 18.87
CA PHE B 289 -22.56 -4.10 19.03
C PHE B 289 -22.43 -4.57 20.46
N PRO B 290 -21.96 -5.81 20.69
CA PRO B 290 -22.18 -6.44 22.01
C PRO B 290 -21.51 -5.74 23.17
N PHE B 291 -20.27 -5.27 23.03
CA PHE B 291 -19.51 -4.72 24.15
C PHE B 291 -19.08 -3.30 23.85
N VAL B 292 -19.69 -2.34 24.56
CA VAL B 292 -19.52 -0.91 24.29
C VAL B 292 -19.43 -0.18 25.63
N PRO B 293 -19.19 1.14 25.64
CA PRO B 293 -19.11 1.84 26.93
C PRO B 293 -20.38 1.71 27.77
N VAL B 294 -20.19 1.77 29.10
CA VAL B 294 -21.28 1.85 30.06
C VAL B 294 -21.11 3.12 30.89
N VAL B 295 -22.14 3.46 31.65
CA VAL B 295 -22.02 4.44 32.72
C VAL B 295 -21.49 3.70 33.94
N ASP B 296 -20.21 3.93 34.29
CA ASP B 296 -19.54 3.08 35.27
C ASP B 296 -19.47 3.68 36.68
N GLY B 297 -19.42 4.99 36.80
CA GLY B 297 -19.34 5.66 38.08
C GLY B 297 -18.09 6.48 38.22
N ALA B 298 -17.07 6.18 37.42
CA ALA B 298 -15.82 6.90 37.51
C ALA B 298 -15.46 7.58 36.20
N PHE B 299 -15.53 6.87 35.05
CA PHE B 299 -15.30 7.57 33.79
C PHE B 299 -16.50 8.43 33.39
N LEU B 300 -17.71 7.86 33.46
CA LEU B 300 -18.97 8.58 33.39
C LEU B 300 -19.81 8.17 34.60
N ASP B 301 -20.48 9.13 35.23
CA ASP B 301 -21.42 8.81 36.31
C ASP B 301 -22.85 9.25 35.99
N GLU B 302 -23.14 9.62 34.74
CA GLU B 302 -24.52 9.81 34.28
C GLU B 302 -24.53 9.56 32.77
N THR B 303 -25.71 9.24 32.24
CA THR B 303 -25.82 9.05 30.81
C THR B 303 -25.41 10.33 30.07
N PRO B 304 -24.86 10.18 28.85
CA PRO B 304 -24.58 11.39 28.03
C PRO B 304 -25.79 12.29 27.86
N GLN B 305 -27.02 11.74 27.70
CA GLN B 305 -28.15 12.63 27.49
C GLN B 305 -28.37 13.51 28.71
N ARG B 306 -28.12 12.99 29.92
CA ARG B 306 -28.24 13.81 31.13
C ARG B 306 -27.10 14.82 31.25
N SER B 307 -25.90 14.50 30.76
CA SER B 307 -24.87 15.52 30.77
C SER B 307 -25.23 16.66 29.82
N LEU B 308 -25.77 16.31 28.65
CA LEU B 308 -26.07 17.32 27.66
C LEU B 308 -27.21 18.21 28.15
N ALA B 309 -28.25 17.60 28.74
CA ALA B 309 -29.39 18.37 29.22
C ALA B 309 -28.99 19.35 30.32
N SER B 310 -27.96 19.03 31.09
CA SER B 310 -27.61 19.87 32.22
C SER B 310 -26.45 20.80 31.94
N GLY B 311 -25.86 20.77 30.74
CA GLY B 311 -24.70 21.61 30.48
C GLY B 311 -23.40 21.13 31.09
N ARG B 312 -23.36 19.90 31.59
CA ARG B 312 -22.11 19.33 32.15
C ARG B 312 -21.27 18.71 31.02
N PHE B 313 -20.52 19.56 30.31
CA PHE B 313 -19.59 19.12 29.28
C PHE B 313 -18.60 20.23 29.01
N LYS B 314 -17.49 19.86 28.39
CA LYS B 314 -16.38 20.78 28.29
C LYS B 314 -16.73 21.98 27.41
N LYS B 315 -16.36 23.17 27.87
CA LYS B 315 -16.67 24.38 27.12
C LYS B 315 -15.52 24.57 26.16
N THR B 316 -15.77 24.26 24.89
CA THR B 316 -14.72 24.35 23.87
C THR B 316 -15.39 24.29 22.51
N GLU B 317 -14.61 24.56 21.47
CA GLU B 317 -15.07 24.48 20.10
C GLU B 317 -15.14 23.03 19.65
N ILE B 318 -16.06 22.71 18.74
CA ILE B 318 -16.07 21.40 18.08
C ILE B 318 -16.36 21.57 16.59
N LEU B 319 -15.78 20.67 15.81
CA LEU B 319 -16.05 20.51 14.39
C LEU B 319 -16.55 19.09 14.17
N THR B 320 -17.65 18.95 13.46
CA THR B 320 -18.36 17.68 13.40
C THR B 320 -19.17 17.63 12.10
N GLY B 321 -19.57 16.44 11.70
CA GLY B 321 -20.27 16.32 10.43
C GLY B 321 -20.65 14.88 10.13
N SER B 322 -21.29 14.71 8.96
CA SER B 322 -21.87 13.45 8.52
C SER B 322 -21.59 13.26 7.04
N ASN B 323 -21.73 12.01 6.58
CA ASN B 323 -21.66 11.68 5.16
C ASN B 323 -23.06 11.41 4.60
N THR B 324 -23.19 11.42 3.28
CA THR B 324 -24.56 11.33 2.76
C THR B 324 -25.16 9.94 2.83
N GLU B 325 -24.36 8.87 2.79
CA GLU B 325 -24.90 7.50 2.83
C GLU B 325 -24.29 6.74 4.02
N GLU B 326 -24.72 7.11 5.21
CA GLU B 326 -24.20 6.53 6.44
C GLU B 326 -24.73 5.14 6.71
N GLY B 327 -25.89 4.79 6.15
CA GLY B 327 -26.52 3.52 6.49
C GLY B 327 -26.02 2.31 5.71
N TYR B 328 -25.63 2.51 4.43
CA TYR B 328 -25.40 1.39 3.52
C TYR B 328 -24.35 0.43 4.05
N TYR B 329 -23.20 0.98 4.47
CA TYR B 329 -22.13 0.14 4.99
C TYR B 329 -22.67 -0.89 5.98
N PHE B 330 -23.51 -0.47 6.91
CA PHE B 330 -23.98 -1.44 7.90
C PHE B 330 -25.02 -2.40 7.34
N ILE B 331 -25.86 -1.93 6.40
CA ILE B 331 -26.88 -2.79 5.79
C ILE B 331 -26.24 -3.83 4.88
N ILE B 332 -25.18 -3.45 4.17
CA ILE B 332 -24.45 -4.38 3.31
C ILE B 332 -23.96 -5.60 4.07
N TYR B 333 -23.62 -5.45 5.35
CA TYR B 333 -23.19 -6.58 6.18
C TYR B 333 -24.31 -7.24 6.94
N TYR B 334 -25.48 -6.63 7.02
CA TYR B 334 -26.57 -7.16 7.83
C TYR B 334 -27.65 -7.85 7.02
N LEU B 335 -28.05 -7.28 5.89
CA LEU B 335 -29.03 -7.86 4.97
C LEU B 335 -28.28 -8.37 3.73
N THR B 336 -27.52 -9.46 3.92
CA THR B 336 -26.66 -9.95 2.86
C THR B 336 -27.42 -10.55 1.68
N GLU B 337 -28.66 -11.00 1.88
CA GLU B 337 -29.44 -11.39 0.70
C GLU B 337 -30.03 -10.17 -0.03
N LEU B 338 -30.39 -9.11 0.70
CA LEU B 338 -31.10 -8.00 0.05
C LEU B 338 -30.13 -7.08 -0.69
N LEU B 339 -29.09 -6.60 -0.01
CA LEU B 339 -28.12 -5.69 -0.62
C LEU B 339 -26.82 -6.45 -0.90
N ARG B 340 -26.84 -7.30 -1.93
CA ARG B 340 -25.64 -7.97 -2.37
C ARG B 340 -24.62 -6.94 -2.81
N LYS B 341 -23.33 -7.24 -2.66
CA LYS B 341 -22.31 -6.26 -3.06
C LYS B 341 -22.02 -6.33 -4.56
N GLU B 342 -23.05 -6.06 -5.36
CA GLU B 342 -23.00 -6.08 -6.83
C GLU B 342 -23.46 -4.73 -7.39
N GLU B 343 -23.09 -4.48 -8.63
CA GLU B 343 -23.61 -3.31 -9.33
C GLU B 343 -25.10 -3.50 -9.68
N GLY B 344 -25.85 -2.37 -9.68
CA GLY B 344 -27.23 -2.38 -10.13
C GLY B 344 -28.25 -2.99 -9.18
N VAL B 345 -27.95 -3.08 -7.88
CA VAL B 345 -28.93 -3.55 -6.90
C VAL B 345 -30.07 -2.53 -6.76
N THR B 346 -31.30 -3.02 -6.60
CA THR B 346 -32.49 -2.22 -6.37
C THR B 346 -33.38 -2.94 -5.36
N VAL B 347 -34.37 -2.24 -4.81
CA VAL B 347 -35.21 -2.86 -3.81
C VAL B 347 -36.68 -2.64 -4.18
N THR B 348 -37.44 -3.72 -4.22
CA THR B 348 -38.87 -3.63 -4.51
C THR B 348 -39.61 -3.08 -3.30
N ARG B 349 -40.80 -2.53 -3.57
CA ARG B 349 -41.62 -2.00 -2.49
C ARG B 349 -41.91 -3.06 -1.44
N GLU B 350 -42.16 -4.29 -1.87
CA GLU B 350 -42.52 -5.31 -0.90
C GLU B 350 -41.31 -5.69 -0.06
N GLU B 351 -40.11 -5.68 -0.69
CA GLU B 351 -38.85 -5.89 0.03
C GLU B 351 -38.56 -4.74 0.98
N PHE B 352 -38.78 -3.49 0.55
CA PHE B 352 -38.61 -2.36 1.46
C PHE B 352 -39.49 -2.54 2.68
N LEU B 353 -40.75 -2.91 2.48
CA LEU B 353 -41.63 -3.04 3.63
C LEU B 353 -41.14 -4.14 4.57
N GLN B 354 -40.60 -5.22 4.04
CA GLN B 354 -40.04 -6.27 4.89
C GLN B 354 -38.76 -5.77 5.60
N ALA B 355 -37.91 -5.01 4.88
CA ALA B 355 -36.69 -4.47 5.48
C ALA B 355 -36.99 -3.55 6.67
N VAL B 356 -38.04 -2.73 6.58
CA VAL B 356 -38.35 -1.79 7.66
C VAL B 356 -38.58 -2.54 8.96
N ARG B 357 -39.26 -3.70 8.89
CA ARG B 357 -39.45 -4.47 10.11
C ARG B 357 -38.15 -5.07 10.62
N GLU B 358 -37.29 -5.55 9.70
CA GLU B 358 -36.05 -6.18 10.13
C GLU B 358 -35.06 -5.16 10.68
N LEU B 359 -35.03 -3.96 10.11
CA LEU B 359 -34.09 -2.94 10.54
C LEU B 359 -34.58 -2.12 11.72
N ASN B 360 -35.86 -2.25 12.09
CA ASN B 360 -36.41 -1.59 13.28
C ASN B 360 -37.18 -2.64 14.06
N PRO B 361 -36.48 -3.63 14.63
CA PRO B 361 -37.17 -4.81 15.15
C PRO B 361 -37.86 -4.61 16.48
N TYR B 362 -37.68 -3.47 17.13
CA TYR B 362 -38.15 -3.26 18.49
C TYR B 362 -39.41 -2.41 18.60
N VAL B 363 -39.86 -1.78 17.51
CA VAL B 363 -40.99 -0.84 17.59
C VAL B 363 -42.28 -1.55 17.18
N ASN B 364 -43.41 -0.99 17.60
CA ASN B 364 -44.68 -1.67 17.36
C ASN B 364 -45.22 -1.37 15.97
N GLY B 365 -46.43 -1.87 15.69
CA GLY B 365 -47.01 -1.67 14.36
C GLY B 365 -47.17 -0.21 13.97
N ALA B 366 -47.68 0.63 14.88
CA ALA B 366 -47.89 2.04 14.54
C ALA B 366 -46.57 2.72 14.22
N ALA B 367 -45.51 2.38 14.95
CA ALA B 367 -44.20 2.97 14.68
C ALA B 367 -43.69 2.59 13.31
N ARG B 368 -43.87 1.32 12.90
CA ARG B 368 -43.36 0.91 11.60
C ARG B 368 -44.03 1.68 10.46
N GLN B 369 -45.35 1.86 10.53
CA GLN B 369 -46.05 2.65 9.52
C GLN B 369 -45.50 4.05 9.43
N ALA B 370 -45.27 4.67 10.59
CA ALA B 370 -44.69 6.01 10.59
C ALA B 370 -43.36 6.00 9.86
N ILE B 371 -42.52 5.00 10.15
CA ILE B 371 -41.23 4.93 9.46
C ILE B 371 -41.45 4.76 7.96
N VAL B 372 -42.37 3.87 7.59
CA VAL B 372 -42.69 3.67 6.17
C VAL B 372 -43.12 4.98 5.54
N PHE B 373 -44.07 5.68 6.21
CA PHE B 373 -44.54 6.95 5.66
C PHE B 373 -43.40 7.96 5.59
N GLU B 374 -42.59 8.03 6.64
CA GLU B 374 -41.50 8.99 6.62
C GLU B 374 -40.48 8.67 5.54
N TYR B 375 -40.28 7.39 5.19
CA TYR B 375 -39.18 7.05 4.30
C TYR B 375 -39.69 6.50 2.96
N THR B 376 -40.82 6.99 2.48
CA THR B 376 -41.34 6.66 1.16
C THR B 376 -41.18 7.88 0.25
N ASP B 377 -40.78 7.63 -1.00
CA ASP B 377 -40.72 8.68 -2.02
C ASP B 377 -42.12 8.84 -2.60
N TRP B 378 -42.84 9.90 -2.17
CA TRP B 378 -44.26 9.99 -2.53
C TRP B 378 -44.49 10.51 -3.94
N THR B 379 -43.44 11.03 -4.59
CA THR B 379 -43.44 11.25 -6.03
C THR B 379 -43.55 9.93 -6.81
N GLU B 380 -42.94 8.87 -6.29
CA GLU B 380 -42.89 7.58 -6.99
C GLU B 380 -42.71 6.45 -5.98
N PRO B 381 -43.77 6.10 -5.27
CA PRO B 381 -43.60 5.19 -4.11
C PRO B 381 -42.95 3.85 -4.41
N ASP B 382 -43.17 3.26 -5.59
CA ASP B 382 -42.65 1.91 -5.85
C ASP B 382 -41.31 1.91 -6.57
N ASN B 383 -40.75 3.08 -6.87
CA ASN B 383 -39.48 3.14 -7.58
C ASN B 383 -38.42 2.31 -6.85
N PRO B 384 -37.75 1.37 -7.53
CA PRO B 384 -36.87 0.43 -6.82
C PRO B 384 -35.53 1.03 -6.39
N ASN B 385 -35.07 2.10 -7.04
CA ASN B 385 -33.99 2.92 -6.48
C ASN B 385 -34.42 3.67 -5.21
N SER B 386 -35.61 4.29 -5.22
CA SER B 386 -36.03 5.06 -4.07
C SER B 386 -36.16 4.17 -2.85
N ASN B 387 -36.66 2.96 -3.03
CA ASN B 387 -36.82 2.07 -1.88
C ASN B 387 -35.48 1.55 -1.37
N ARG B 388 -34.48 1.46 -2.22
CA ARG B 388 -33.15 1.08 -1.73
C ARG B 388 -32.52 2.23 -0.96
N ASP B 389 -32.57 3.44 -1.54
CA ASP B 389 -32.05 4.63 -0.86
C ASP B 389 -32.75 4.90 0.47
N ALA B 390 -34.04 4.60 0.56
CA ALA B 390 -34.75 4.84 1.81
C ALA B 390 -34.15 4.05 2.94
N LEU B 391 -33.64 2.87 2.61
CA LEU B 391 -33.06 1.99 3.59
C LEU B 391 -31.79 2.60 4.16
N ASP B 392 -30.92 3.11 3.29
CA ASP B 392 -29.75 3.81 3.79
C ASP B 392 -30.15 4.97 4.69
N LYS B 393 -31.11 5.79 4.24
CA LYS B 393 -31.41 7.02 4.94
C LYS B 393 -32.03 6.74 6.30
N MET B 394 -32.90 5.74 6.41
CA MET B 394 -33.50 5.52 7.72
C MET B 394 -32.49 4.97 8.71
N VAL B 395 -31.59 4.09 8.27
CA VAL B 395 -30.52 3.61 9.15
C VAL B 395 -29.53 4.73 9.43
N GLY B 396 -29.14 5.45 8.38
CA GLY B 396 -28.17 6.53 8.52
C GLY B 396 -28.67 7.67 9.40
N ASP B 397 -29.94 8.08 9.22
CA ASP B 397 -30.52 9.14 10.04
C ASP B 397 -30.56 8.71 11.51
N TYR B 398 -31.08 7.52 11.77
CA TYR B 398 -31.33 7.12 13.14
C TYR B 398 -30.03 6.83 13.89
N HIS B 399 -29.09 6.12 13.26
CA HIS B 399 -27.89 5.72 13.98
C HIS B 399 -26.74 6.72 13.85
N PHE B 400 -26.77 7.63 12.88
CA PHE B 400 -25.63 8.52 12.72
C PHE B 400 -25.99 10.00 12.62
N THR B 401 -26.51 10.44 11.48
CA THR B 401 -26.66 11.85 11.18
C THR B 401 -27.39 12.62 12.28
N CYS B 402 -28.48 12.06 12.80
CA CYS B 402 -29.33 12.80 13.74
C CYS B 402 -28.72 12.93 15.11
N ASN B 403 -27.79 12.06 15.44
CA ASN B 403 -27.11 12.16 16.71
C ASN B 403 -25.99 13.18 16.66
N VAL B 404 -25.32 13.28 15.51
CA VAL B 404 -24.35 14.35 15.32
C VAL B 404 -25.05 15.70 15.43
N ASN B 405 -26.19 15.84 14.76
CA ASN B 405 -26.98 17.07 14.84
C ASN B 405 -27.31 17.38 16.29
N GLU B 406 -27.80 16.39 17.06
CA GLU B 406 -28.19 16.64 18.43
C GLU B 406 -27.03 17.18 19.26
N PHE B 407 -25.85 16.58 19.12
CA PHE B 407 -24.68 16.98 19.91
C PHE B 407 -24.22 18.37 19.53
N ALA B 408 -24.13 18.64 18.23
CA ALA B 408 -23.75 19.95 17.75
C ALA B 408 -24.75 21.03 18.22
N GLN B 409 -26.04 20.68 18.30
CA GLN B 409 -27.06 21.62 18.77
C GLN B 409 -26.79 22.03 20.21
N ARG B 410 -26.70 21.05 21.12
N ARG B 410 -26.69 21.04 21.11
CA ARG B 410 -26.45 21.39 22.53
CA ARG B 410 -26.44 21.35 22.52
C ARG B 410 -25.15 22.16 22.71
C ARG B 410 -25.15 22.13 22.71
N TYR B 411 -24.10 21.79 21.97
CA TYR B 411 -22.86 22.57 22.09
C TYR B 411 -23.11 24.00 21.67
N ALA B 412 -23.89 24.20 20.61
CA ALA B 412 -24.12 25.55 20.13
C ALA B 412 -25.03 26.33 21.10
N GLU B 413 -26.08 25.69 21.63
CA GLU B 413 -26.97 26.35 22.58
C GLU B 413 -26.23 26.80 23.82
N GLU B 414 -25.18 26.09 24.18
CA GLU B 414 -24.46 26.43 25.40
C GLU B 414 -23.37 27.46 25.14
N GLY B 415 -23.40 28.13 23.99
CA GLY B 415 -22.48 29.20 23.69
C GLY B 415 -21.17 28.84 23.00
N ASN B 416 -20.98 27.58 22.59
CA ASN B 416 -19.71 27.24 21.95
C ASN B 416 -19.75 27.36 20.43
N ASN B 417 -18.60 27.74 19.86
CA ASN B 417 -18.47 27.76 18.40
C ASN B 417 -18.47 26.33 17.86
N VAL B 418 -19.39 26.07 16.93
CA VAL B 418 -19.58 24.76 16.32
C VAL B 418 -19.42 24.91 14.82
N TYR B 419 -18.77 23.93 14.19
CA TYR B 419 -18.65 23.89 12.74
C TYR B 419 -19.14 22.53 12.25
N MET B 420 -20.07 22.53 11.30
CA MET B 420 -20.81 21.35 10.88
C MET B 420 -20.59 21.14 9.40
N TYR B 421 -20.29 19.90 8.98
CA TYR B 421 -20.12 19.58 7.57
C TYR B 421 -21.05 18.46 7.16
N LEU B 422 -21.35 18.43 5.86
CA LEU B 422 -21.95 17.30 5.19
C LEU B 422 -20.99 16.89 4.09
N TYR B 423 -20.43 15.68 4.19
CA TYR B 423 -19.39 15.27 3.27
C TYR B 423 -20.04 14.49 2.11
N THR B 424 -19.82 14.94 0.88
CA THR B 424 -20.59 14.44 -0.26
C THR B 424 -19.71 13.89 -1.38
N HIS B 425 -18.39 13.81 -1.18
CA HIS B 425 -17.47 13.38 -2.24
C HIS B 425 -17.37 11.86 -2.33
N ARG B 426 -17.64 11.29 -3.51
CA ARG B 426 -17.29 9.88 -3.76
C ARG B 426 -16.03 9.82 -4.63
N SER B 427 -15.01 9.12 -4.14
CA SER B 427 -13.75 8.99 -4.88
C SER B 427 -13.94 8.35 -6.23
N LYS B 428 -13.20 8.83 -7.24
CA LYS B 428 -13.25 8.17 -8.54
C LYS B 428 -12.88 6.68 -8.45
N GLY B 429 -11.92 6.34 -7.61
CA GLY B 429 -11.55 4.94 -7.44
C GLY B 429 -12.29 4.16 -6.38
N ASN B 430 -13.44 4.62 -5.90
CA ASN B 430 -14.16 3.86 -4.88
C ASN B 430 -14.40 2.43 -5.37
N PRO B 431 -14.07 1.40 -4.58
CA PRO B 431 -14.24 0.01 -5.04
C PRO B 431 -15.60 -0.59 -4.77
N TRP B 432 -16.41 0.09 -4.02
CA TRP B 432 -17.76 -0.38 -3.69
C TRP B 432 -18.72 -0.14 -4.87
N PRO B 433 -19.84 -0.85 -4.92
CA PRO B 433 -20.81 -0.60 -6.00
C PRO B 433 -21.23 0.88 -6.07
N ARG B 434 -21.47 1.37 -7.30
CA ARG B 434 -21.79 2.80 -7.51
C ARG B 434 -22.98 3.27 -6.69
N TRP B 435 -23.96 2.40 -6.47
CA TRP B 435 -25.15 2.82 -5.74
C TRP B 435 -24.91 3.06 -4.26
N THR B 436 -23.73 2.69 -3.73
CA THR B 436 -23.45 2.92 -2.31
C THR B 436 -23.18 4.38 -2.02
N GLY B 437 -22.85 5.17 -3.03
CA GLY B 437 -22.77 6.60 -2.78
C GLY B 437 -21.56 6.95 -1.94
N VAL B 438 -21.75 7.86 -0.96
CA VAL B 438 -20.67 8.30 -0.08
C VAL B 438 -20.93 7.66 1.29
N MET B 439 -20.25 6.53 1.56
CA MET B 439 -20.55 5.75 2.76
C MET B 439 -19.77 6.24 3.99
N HIS B 440 -20.17 5.72 5.13
CA HIS B 440 -19.45 5.79 6.39
C HIS B 440 -17.94 5.58 6.21
N GLY B 441 -17.15 6.58 6.61
CA GLY B 441 -15.69 6.50 6.62
C GLY B 441 -14.97 7.06 5.41
N ASP B 442 -15.70 7.37 4.34
CA ASP B 442 -15.05 7.77 3.10
C ASP B 442 -14.18 9.02 3.27
N GLU B 443 -14.53 9.90 4.23
CA GLU B 443 -13.76 11.13 4.38
C GLU B 443 -12.37 10.90 4.98
N ILE B 444 -12.13 9.73 5.60
CA ILE B 444 -10.88 9.54 6.33
C ILE B 444 -9.66 9.62 5.40
N ASN B 445 -9.75 9.03 4.21
CA ASN B 445 -8.63 9.08 3.28
C ASN B 445 -8.24 10.51 3.00
N TYR B 446 -9.24 11.40 2.86
CA TYR B 446 -8.95 12.79 2.51
C TYR B 446 -8.45 13.57 3.71
N VAL B 447 -8.95 13.25 4.92
CA VAL B 447 -8.47 13.90 6.13
C VAL B 447 -6.97 13.64 6.35
N PHE B 448 -6.53 12.39 6.13
CA PHE B 448 -5.12 12.05 6.33
C PHE B 448 -4.26 12.24 5.05
N GLY B 449 -4.79 12.86 3.99
CA GLY B 449 -3.96 13.19 2.85
C GLY B 449 -3.50 12.03 1.97
N GLU B 450 -4.19 10.88 2.02
CA GLU B 450 -3.86 9.76 1.15
C GLU B 450 -3.85 10.12 -0.34
N PRO B 451 -4.73 10.99 -0.86
CA PRO B 451 -4.63 11.34 -2.28
C PRO B 451 -3.26 11.88 -2.70
N LEU B 452 -2.43 12.38 -1.78
CA LEU B 452 -1.15 12.93 -2.18
C LEU B 452 -0.10 11.83 -2.40
N ASN B 453 -0.46 10.57 -2.20
CA ASN B 453 0.41 9.43 -2.42
C ASN B 453 0.53 9.12 -3.91
N PRO B 454 1.68 9.41 -4.50
CA PRO B 454 1.80 9.33 -5.97
C PRO B 454 1.68 7.90 -6.53
N THR B 455 1.81 6.87 -5.68
CA THR B 455 1.56 5.51 -6.16
C THR B 455 0.08 5.15 -6.23
N LEU B 456 -0.83 5.97 -5.68
CA LEU B 456 -2.26 5.72 -5.76
C LEU B 456 -2.92 6.46 -6.93
N GLY B 457 -4.19 6.13 -7.15
CA GLY B 457 -4.91 6.56 -8.34
C GLY B 457 -5.76 7.83 -8.26
N TYR B 458 -5.51 8.71 -7.30
CA TYR B 458 -6.39 9.86 -7.11
C TYR B 458 -6.16 10.92 -8.18
N THR B 459 -7.24 11.58 -8.62
CA THR B 459 -7.11 12.63 -9.61
C THR B 459 -6.44 13.87 -9.00
N GLU B 460 -6.05 14.79 -9.87
CA GLU B 460 -5.51 16.04 -9.36
C GLU B 460 -6.58 16.83 -8.59
N ASP B 461 -7.82 16.80 -9.07
CA ASP B 461 -8.90 17.49 -8.35
C ASP B 461 -9.04 16.94 -6.94
N GLU B 462 -8.94 15.60 -6.80
CA GLU B 462 -9.05 14.98 -5.49
C GLU B 462 -7.88 15.36 -4.60
N LYS B 463 -6.71 15.55 -5.17
CA LYS B 463 -5.58 16.00 -4.35
C LYS B 463 -5.84 17.40 -3.80
N ASP B 464 -6.30 18.31 -4.66
CA ASP B 464 -6.63 19.66 -4.17
C ASP B 464 -7.65 19.57 -3.05
N PHE B 465 -8.70 18.74 -3.25
CA PHE B 465 -9.74 18.54 -2.25
C PHE B 465 -9.15 18.08 -0.92
N SER B 466 -8.24 17.09 -0.97
CA SER B 466 -7.63 16.62 0.27
C SER B 466 -6.81 17.70 0.94
N ARG B 467 -6.08 18.49 0.15
CA ARG B 467 -5.37 19.63 0.75
C ARG B 467 -6.35 20.59 1.40
N LYS B 468 -7.50 20.86 0.76
CA LYS B 468 -8.49 21.75 1.36
C LYS B 468 -8.95 21.21 2.70
N ILE B 469 -9.18 19.91 2.77
CA ILE B 469 -9.77 19.35 3.97
C ILE B 469 -8.76 19.31 5.10
N MET B 470 -7.52 18.94 4.79
CA MET B 470 -6.47 18.96 5.81
C MET B 470 -6.27 20.37 6.34
N ARG B 471 -6.41 21.36 5.49
CA ARG B 471 -6.22 22.73 5.91
C ARG B 471 -7.36 23.19 6.83
N TYR B 472 -8.61 22.88 6.49
CA TYR B 472 -9.73 23.14 7.41
C TYR B 472 -9.49 22.45 8.75
N TRP B 473 -9.21 21.14 8.71
CA TRP B 473 -9.06 20.36 9.94
C TRP B 473 -7.94 20.92 10.80
N SER B 474 -6.82 21.30 10.19
CA SER B 474 -5.69 21.75 11.00
C SER B 474 -5.82 23.23 11.43
N ASN B 475 -6.40 24.09 10.59
CA ASN B 475 -6.78 25.43 11.07
C ASN B 475 -7.62 25.32 12.34
N PHE B 476 -8.62 24.42 12.35
CA PHE B 476 -9.44 24.23 13.53
C PHE B 476 -8.61 23.80 14.73
N ALA B 477 -7.72 22.81 14.54
CA ALA B 477 -6.85 22.42 15.65
C ALA B 477 -5.99 23.59 16.10
N LYS B 478 -5.48 24.38 15.15
CA LYS B 478 -4.55 25.43 15.52
C LYS B 478 -5.24 26.61 16.19
N THR B 479 -6.46 26.97 15.75
CA THR B 479 -7.14 28.19 16.20
C THR B 479 -8.57 28.01 16.72
N GLY B 480 -9.23 26.89 16.49
CA GLY B 480 -10.63 26.81 16.83
C GLY B 480 -11.55 27.23 15.70
N ASN B 481 -10.99 27.56 14.54
CA ASN B 481 -11.78 28.05 13.41
C ASN B 481 -11.18 27.42 12.16
N PRO B 482 -11.97 26.72 11.35
CA PRO B 482 -11.38 26.04 10.17
C PRO B 482 -11.01 27.00 9.06
N ASN B 483 -11.60 28.20 9.05
CA ASN B 483 -11.41 29.18 7.99
C ASN B 483 -10.02 29.81 8.07
N PRO B 484 -9.45 30.15 6.92
CA PRO B 484 -8.18 30.89 6.89
C PRO B 484 -8.39 32.38 7.18
N ASN B 485 -7.26 33.11 7.30
CA ASN B 485 -7.33 34.57 7.48
C ASN B 485 -7.66 35.30 6.18
N THR B 486 -6.89 35.06 5.12
CA THR B 486 -7.17 35.62 3.80
C THR B 486 -8.20 34.74 3.13
N ALA B 487 -9.44 35.24 3.00
CA ALA B 487 -10.50 34.46 2.37
C ALA B 487 -10.14 34.13 0.91
N SER B 488 -10.23 32.84 0.55
CA SER B 488 -9.72 32.30 -0.71
C SER B 488 -10.85 31.96 -1.68
N SER B 489 -10.47 31.78 -2.95
CA SER B 489 -11.37 31.21 -3.95
C SER B 489 -11.42 29.69 -3.83
N GLU B 490 -10.28 29.07 -3.49
CA GLU B 490 -10.21 27.63 -3.31
C GLU B 490 -10.83 27.18 -1.98
N PHE B 491 -10.80 28.05 -0.96
CA PHE B 491 -11.29 27.77 0.38
C PHE B 491 -12.55 28.56 0.65
N PRO B 492 -13.73 28.03 0.34
CA PRO B 492 -14.96 28.73 0.74
C PRO B 492 -15.02 29.09 2.23
N GLU B 493 -15.97 29.95 2.57
CA GLU B 493 -16.23 30.31 3.96
C GLU B 493 -16.99 29.18 4.62
N TRP B 494 -16.57 28.83 5.82
CA TRP B 494 -17.28 27.80 6.56
C TRP B 494 -17.93 28.49 7.74
N PRO B 495 -19.23 28.76 7.67
CA PRO B 495 -19.90 29.52 8.73
C PRO B 495 -20.12 28.68 9.97
N LYS B 496 -20.21 29.35 11.12
CA LYS B 496 -20.56 28.72 12.39
C LYS B 496 -21.93 28.06 12.31
N HIS B 497 -22.08 26.93 13.03
CA HIS B 497 -23.35 26.23 13.21
C HIS B 497 -23.98 26.79 14.50
N THR B 498 -24.84 27.79 14.34
CA THR B 498 -25.42 28.46 15.50
C THR B 498 -26.64 27.70 15.97
N ALA B 499 -27.03 27.95 17.21
CA ALA B 499 -28.15 27.21 17.79
C ALA B 499 -29.42 27.41 16.99
N HIS B 500 -29.58 28.56 16.35
N HIS B 500 -29.58 28.60 16.41
CA HIS B 500 -30.80 28.77 15.59
CA HIS B 500 -30.74 28.99 15.60
C HIS B 500 -30.59 28.74 14.07
C HIS B 500 -30.52 28.65 14.14
N GLY B 501 -29.43 29.15 13.57
CA GLY B 501 -29.17 28.98 12.14
C GLY B 501 -28.86 27.55 11.70
N ARG B 502 -28.03 26.82 12.48
CA ARG B 502 -27.68 25.42 12.18
C ARG B 502 -27.14 25.24 10.77
N HIS B 503 -26.32 26.20 10.35
CA HIS B 503 -25.74 26.11 9.03
C HIS B 503 -24.70 24.99 9.01
N TYR B 504 -24.55 24.37 7.85
CA TYR B 504 -23.48 23.41 7.60
C TYR B 504 -22.85 23.65 6.24
N LEU B 505 -21.58 23.26 6.10
CA LEU B 505 -20.89 23.40 4.83
C LEU B 505 -20.84 22.05 4.14
N GLU B 506 -21.26 22.01 2.89
CA GLU B 506 -21.13 20.79 2.09
C GLU B 506 -19.70 20.69 1.60
N LEU B 507 -19.06 19.55 1.88
CA LEU B 507 -17.69 19.29 1.48
C LEU B 507 -17.70 18.37 0.26
N GLY B 508 -17.19 18.89 -0.86
CA GLY B 508 -17.28 18.17 -2.12
C GLY B 508 -16.39 18.87 -3.12
N LEU B 509 -16.33 18.28 -4.33
CA LEU B 509 -15.38 18.76 -5.33
C LEU B 509 -15.78 20.14 -5.88
N ASN B 510 -16.91 20.23 -6.56
CA ASN B 510 -17.31 21.49 -7.18
C ASN B 510 -18.53 22.04 -6.44
N THR B 511 -18.29 22.53 -5.22
CA THR B 511 -19.38 23.02 -4.38
C THR B 511 -18.79 23.83 -3.25
N SER B 512 -19.57 24.84 -2.83
CA SER B 512 -19.41 25.62 -1.60
C SER B 512 -20.77 25.85 -0.96
N PHE B 513 -21.71 24.95 -1.25
CA PHE B 513 -23.08 25.12 -0.77
C PHE B 513 -23.13 25.09 0.75
N VAL B 514 -23.83 26.08 1.31
CA VAL B 514 -24.16 26.11 2.74
C VAL B 514 -25.66 25.86 2.88
N GLY B 515 -26.02 24.93 3.75
CA GLY B 515 -27.40 24.58 4.00
C GLY B 515 -27.72 24.61 5.48
N ARG B 516 -28.86 24.03 5.86
CA ARG B 516 -29.26 23.98 7.26
C ARG B 516 -29.53 22.57 7.69
N GLY B 517 -29.04 22.22 8.86
CA GLY B 517 -29.17 20.86 9.32
C GLY B 517 -27.82 20.17 9.36
N PRO B 518 -27.65 19.10 8.56
CA PRO B 518 -28.55 18.64 7.51
C PRO B 518 -29.73 17.81 8.00
N ARG B 519 -30.77 17.69 7.16
CA ARG B 519 -31.87 16.73 7.37
C ARG B 519 -32.66 16.97 8.67
N LEU B 520 -32.95 18.26 8.93
CA LEU B 520 -33.64 18.66 10.16
C LEU B 520 -35.01 17.98 10.32
N ARG B 521 -35.74 17.80 9.20
CA ARG B 521 -37.07 17.20 9.29
C ARG B 521 -36.99 15.73 9.65
N GLN B 522 -36.17 14.94 8.92
CA GLN B 522 -36.03 13.53 9.30
C GLN B 522 -35.49 13.38 10.73
N CYS B 523 -34.58 14.26 11.14
CA CYS B 523 -34.06 14.17 12.50
C CYS B 523 -35.14 14.48 13.53
N ALA B 524 -36.05 15.46 13.25
CA ALA B 524 -37.17 15.70 14.15
C ALA B 524 -38.11 14.50 14.22
N PHE B 525 -38.27 13.79 13.10
CA PHE B 525 -39.06 12.57 13.12
C PHE B 525 -38.55 11.59 14.18
N TRP B 526 -37.22 11.32 14.18
CA TRP B 526 -36.67 10.32 15.11
C TRP B 526 -36.59 10.84 16.53
N LYS B 527 -36.20 12.11 16.70
CA LYS B 527 -35.93 12.65 18.02
C LYS B 527 -37.19 13.17 18.70
N LYS B 528 -38.18 13.66 17.94
CA LYS B 528 -39.37 14.26 18.53
C LYS B 528 -40.65 13.51 18.20
N TYR B 529 -40.96 13.25 16.93
CA TYR B 529 -42.27 12.64 16.63
C TYR B 529 -42.34 11.18 17.10
N LEU B 530 -41.40 10.33 16.64
CA LEU B 530 -41.54 8.90 16.92
C LEU B 530 -41.54 8.56 18.41
N PRO B 531 -40.72 9.16 19.28
CA PRO B 531 -40.86 8.85 20.71
C PRO B 531 -42.24 9.17 21.26
N GLN B 532 -42.88 10.28 20.85
CA GLN B 532 -44.19 10.55 21.42
C GLN B 532 -45.25 9.61 20.85
N LEU B 533 -45.08 9.16 19.61
CA LEU B 533 -46.00 8.15 19.08
C LEU B 533 -45.81 6.79 19.74
N VAL B 534 -44.58 6.41 20.09
CA VAL B 534 -44.38 5.13 20.77
C VAL B 534 -45.00 5.18 22.16
N ALA B 535 -44.76 6.26 22.90
CA ALA B 535 -45.41 6.46 24.19
C ALA B 535 -46.93 6.40 24.07
N ALA B 536 -47.50 7.04 23.04
CA ALA B 536 -48.95 7.07 22.93
C ALA B 536 -49.58 5.70 22.70
N THR B 537 -48.86 4.76 22.09
CA THR B 537 -49.47 3.51 21.63
C THR B 537 -48.88 2.26 22.29
N SER B 538 -48.53 2.32 23.57
CA SER B 538 -47.84 1.19 24.17
C SER B 538 -48.55 0.65 25.41
N ASN B 539 -49.88 0.75 25.45
CA ASN B 539 -50.66 0.30 26.62
C ASN B 539 -50.55 -1.21 26.86
#